data_1FTR
#
_entry.id   1FTR
#
_cell.length_a   157.500
_cell.length_b   157.500
_cell.length_c   242.100
_cell.angle_alpha   90.00
_cell.angle_beta   90.00
_cell.angle_gamma   90.00
#
_symmetry.space_group_name_H-M   'I 41 2 2'
#
loop_
_entity.id
_entity.type
_entity.pdbx_description
1 polymer 'FORMYLMETHANOFURAN\:TETRAHYDROMETHANOPTERIN FORMYLTRANSFERASE'
2 water water
#
_entity_poly.entity_id   1
_entity_poly.type   'polypeptide(L)'
_entity_poly.pdbx_seq_one_letter_code
;MEINGVEIEDTFAEAFEAKMARVLITAASHKWAMIAVKEATGFGTSVIMCPAEAGIDCGYVPPEETPDGRPGVTIMIGHN
DEDELKEQLLDRIGQCVMTAPTASAFDAMPEAEKEDEDRVGYKLSFFGDGYQEEDELDGRKVWKIPVVEGEFIVEDSFGI
TTGVAGGNFYIMAESQPAGLQAAEAAVDAIKGVEGAYAPFPGGIVASASKVGSKQYDFLPASTNDAYCPTVEDNELPEGV
KCVYEIVINGLNEEAVKEAMRVGIEAACQQPGVVKISAGNFGGKLGQYEIHLHDLF
;
_entity_poly.pdbx_strand_id   A,B,C,D
#
# COMPACT_ATOMS: atom_id res chain seq x y z
N MET A 1 26.56 20.95 -20.03
CA MET A 1 25.51 21.20 -19.01
C MET A 1 25.53 20.07 -17.99
N GLU A 2 25.50 20.43 -16.71
CA GLU A 2 25.40 19.46 -15.62
C GLU A 2 24.27 19.85 -14.67
N ILE A 3 23.59 18.86 -14.12
CA ILE A 3 22.63 19.10 -13.04
C ILE A 3 23.10 18.28 -11.84
N ASN A 4 23.56 19.00 -10.82
CA ASN A 4 24.10 18.38 -9.62
C ASN A 4 25.27 17.46 -9.95
N GLY A 5 26.09 17.91 -10.90
CA GLY A 5 27.29 17.17 -11.25
C GLY A 5 27.04 16.09 -12.28
N VAL A 6 25.79 15.91 -12.68
CA VAL A 6 25.46 14.89 -13.66
C VAL A 6 25.44 15.51 -15.07
N GLU A 7 26.13 14.86 -16.00
CA GLU A 7 26.23 15.36 -17.36
C GLU A 7 24.90 15.12 -18.08
N ILE A 8 24.35 16.19 -18.68
CA ILE A 8 23.17 16.06 -19.50
C ILE A 8 23.61 16.11 -20.97
N GLU A 9 23.55 14.96 -21.64
CA GLU A 9 23.96 14.86 -23.04
C GLU A 9 23.14 15.79 -23.93
N ASP A 10 23.82 16.43 -24.87
CA ASP A 10 23.18 17.40 -25.76
C ASP A 10 22.58 16.63 -26.93
N THR A 11 21.42 16.05 -26.68
CA THR A 11 20.73 15.25 -27.65
C THR A 11 19.23 15.46 -27.47
N PHE A 12 18.41 14.69 -28.18
CA PHE A 12 16.98 14.87 -28.09
C PHE A 12 16.26 13.53 -28.04
N ALA A 13 15.09 13.54 -27.43
CA ALA A 13 14.17 12.41 -27.49
C ALA A 13 13.23 12.65 -28.68
N GLU A 14 12.97 11.59 -29.44
CA GLU A 14 12.01 11.63 -30.54
C GLU A 14 10.68 10.96 -30.16
N ALA A 15 9.60 11.74 -30.22
CA ALA A 15 8.30 11.26 -29.79
C ALA A 15 7.33 11.21 -30.97
N PHE A 16 6.20 10.54 -30.75
CA PHE A 16 5.26 10.22 -31.82
C PHE A 16 3.84 10.66 -31.48
N GLU A 17 3.01 10.82 -32.50
CA GLU A 17 1.58 10.99 -32.28
C GLU A 17 0.96 9.67 -31.91
N ALA A 18 0.02 9.72 -30.98
CA ALA A 18 -0.82 8.57 -30.63
C ALA A 18 -2.18 9.08 -30.21
N LYS A 19 -3.21 8.26 -30.38
CA LYS A 19 -4.54 8.58 -29.90
C LYS A 19 -4.61 8.29 -28.40
N MET A 20 -5.30 9.16 -27.67
CA MET A 20 -5.38 9.04 -26.23
C MET A 20 -6.74 9.39 -25.66
N ALA A 21 -7.15 8.62 -24.66
CA ALA A 21 -8.33 8.92 -23.87
C ALA A 21 -7.92 9.13 -22.39
N ARG A 22 -8.77 9.85 -21.66
CA ARG A 22 -8.49 10.16 -20.26
C ARG A 22 -9.78 9.97 -19.45
N VAL A 23 -9.74 9.05 -18.50
CA VAL A 23 -10.92 8.60 -17.81
C VAL A 23 -10.80 8.90 -16.30
N LEU A 24 -11.85 9.49 -15.74
CA LEU A 24 -11.96 9.63 -14.29
C LEU A 24 -12.74 8.45 -13.69
N ILE A 25 -12.09 7.71 -12.79
CA ILE A 25 -12.74 6.62 -12.05
C ILE A 25 -13.01 7.05 -10.59
N THR A 26 -14.27 7.05 -10.20
CA THR A 26 -14.63 7.31 -8.81
C THR A 26 -15.11 6.01 -8.15
N ALA A 27 -15.15 6.01 -6.83
CA ALA A 27 -15.54 4.83 -6.07
C ALA A 27 -15.88 5.27 -4.66
N ALA A 28 -16.36 4.34 -3.84
CA ALA A 28 -16.74 4.62 -2.44
C ALA A 28 -15.59 5.17 -1.62
N SER A 29 -14.36 4.81 -1.98
CA SER A 29 -13.17 5.30 -1.30
C SER A 29 -12.05 5.34 -2.32
N HIS A 30 -10.99 6.08 -2.01
CA HIS A 30 -9.79 6.06 -2.81
C HIS A 30 -9.23 4.63 -2.94
N LYS A 31 -9.41 3.81 -1.91
CA LYS A 31 -8.90 2.45 -1.96
C LYS A 31 -9.58 1.65 -3.09
N TRP A 32 -10.89 1.78 -3.21
CA TRP A 32 -11.62 1.01 -4.20
C TRP A 32 -11.47 1.61 -5.60
N ALA A 33 -11.28 2.92 -5.68
CA ALA A 33 -10.90 3.56 -6.95
C ALA A 33 -9.57 3.02 -7.44
N MET A 34 -8.61 2.87 -6.53
CA MET A 34 -7.31 2.33 -6.90
C MET A 34 -7.37 0.86 -7.29
N ILE A 35 -8.26 0.10 -6.66
CA ILE A 35 -8.48 -1.29 -7.08
C ILE A 35 -8.90 -1.39 -8.54
N ALA A 36 -9.83 -0.54 -8.95
CA ALA A 36 -10.36 -0.55 -10.32
C ALA A 36 -9.29 -0.05 -11.31
N VAL A 37 -8.59 0.99 -10.89
CA VAL A 37 -7.57 1.63 -11.71
C VAL A 37 -6.41 0.69 -12.02
N LYS A 38 -5.95 -0.08 -11.03
CA LYS A 38 -4.81 -0.96 -11.26
C LYS A 38 -5.18 -2.09 -12.24
N GLU A 39 -6.41 -2.58 -12.14
CA GLU A 39 -6.86 -3.61 -13.06
C GLU A 39 -6.98 -3.05 -14.48
N ALA A 40 -7.59 -1.88 -14.59
CA ALA A 40 -7.87 -1.27 -15.88
C ALA A 40 -6.62 -0.84 -16.64
N THR A 41 -5.54 -0.53 -15.92
CA THR A 41 -4.31 -0.04 -16.56
C THR A 41 -3.22 -1.08 -16.66
N GLY A 42 -3.46 -2.27 -16.12
CA GLY A 42 -2.50 -3.36 -16.22
C GLY A 42 -2.40 -3.94 -17.62
N PHE A 43 -1.45 -4.84 -17.82
CA PHE A 43 -1.11 -5.36 -19.15
C PHE A 43 -1.11 -4.22 -20.19
N GLY A 44 -0.35 -3.18 -19.91
CA GLY A 44 -0.48 -1.94 -20.65
C GLY A 44 0.80 -1.13 -20.70
N THR A 45 1.92 -1.80 -20.96
CA THR A 45 3.22 -1.12 -21.00
C THR A 45 3.58 -0.58 -22.38
N SER A 46 3.22 -1.33 -23.43
CA SER A 46 3.70 -1.07 -24.78
C SER A 46 2.79 -1.72 -25.80
N VAL A 47 2.52 -1.01 -26.91
CA VAL A 47 1.61 -1.54 -27.94
C VAL A 47 2.25 -2.66 -28.74
N ILE A 48 3.55 -2.83 -28.58
CA ILE A 48 4.26 -3.94 -29.21
C ILE A 48 3.61 -5.29 -28.91
N MET A 49 3.52 -5.66 -27.63
CA MET A 49 2.87 -6.91 -27.29
C MET A 49 1.77 -6.81 -26.23
N CYS A 50 1.45 -5.59 -25.81
CA CYS A 50 0.27 -5.35 -24.97
C CYS A 50 -0.83 -4.67 -25.79
N PRO A 51 -2.09 -4.77 -25.35
CA PRO A 51 -3.20 -4.23 -26.13
C PRO A 51 -3.29 -2.70 -26.14
N ALA A 52 -2.58 -2.05 -25.23
CA ALA A 52 -2.62 -0.59 -25.10
C ALA A 52 -1.48 -0.09 -24.21
N GLU A 53 -1.30 1.23 -24.16
CA GLU A 53 -0.39 1.85 -23.20
C GLU A 53 -1.23 2.70 -22.24
N ALA A 54 -1.31 2.25 -21.00
CA ALA A 54 -2.20 2.84 -20.02
C ALA A 54 -1.44 3.13 -18.74
N GLY A 55 -1.95 4.08 -17.97
CA GLY A 55 -1.33 4.36 -16.69
C GLY A 55 -2.13 5.40 -15.93
N ILE A 56 -1.68 5.71 -14.72
CA ILE A 56 -2.37 6.67 -13.87
C ILE A 56 -1.79 8.04 -14.17
N ASP A 57 -2.67 9.02 -14.32
CA ASP A 57 -2.25 10.40 -14.46
C ASP A 57 -2.29 11.06 -13.08
N CYS A 58 -3.48 11.26 -12.55
CA CYS A 58 -3.61 11.94 -11.28
C CYS A 58 -4.09 10.94 -10.22
N GLY A 59 -3.24 10.69 -9.23
CA GLY A 59 -3.46 9.58 -8.32
C GLY A 59 -4.55 9.86 -7.31
N TYR A 60 -4.90 11.14 -7.16
CA TYR A 60 -5.91 11.52 -6.18
C TYR A 60 -6.68 12.73 -6.69
N VAL A 61 -7.98 12.54 -6.89
CA VAL A 61 -8.87 13.64 -7.24
C VAL A 61 -9.82 13.83 -6.08
N PRO A 62 -9.87 15.04 -5.50
CA PRO A 62 -10.73 15.32 -4.35
C PRO A 62 -12.21 15.09 -4.68
N PRO A 63 -12.97 14.53 -3.72
CA PRO A 63 -14.40 14.29 -3.89
C PRO A 63 -15.18 15.49 -4.44
N GLU A 64 -14.83 16.68 -4.00
CA GLU A 64 -15.57 17.87 -4.43
C GLU A 64 -15.20 18.35 -5.83
N GLU A 65 -14.27 17.67 -6.48
CA GLU A 65 -13.94 17.97 -7.87
C GLU A 65 -14.46 16.91 -8.85
N THR A 66 -15.23 15.95 -8.33
CA THR A 66 -15.78 14.90 -9.17
C THR A 66 -17.29 15.07 -9.34
N PRO A 67 -17.86 14.52 -10.43
CA PRO A 67 -19.28 14.77 -10.69
C PRO A 67 -20.21 14.15 -9.66
N ASP A 68 -19.79 13.08 -9.01
CA ASP A 68 -20.63 12.39 -8.04
C ASP A 68 -20.26 12.68 -6.58
N GLY A 69 -19.21 13.48 -6.39
CA GLY A 69 -18.81 13.86 -5.04
C GLY A 69 -18.11 12.75 -4.27
N ARG A 70 -17.55 11.80 -5.01
CA ARG A 70 -16.83 10.68 -4.41
C ARG A 70 -15.35 10.75 -4.82
N PRO A 71 -14.46 10.11 -4.03
CA PRO A 71 -13.03 10.22 -4.34
C PRO A 71 -12.65 9.55 -5.67
N GLY A 72 -11.71 10.13 -6.39
CA GLY A 72 -11.39 9.64 -7.72
C GLY A 72 -9.91 9.59 -8.07
N VAL A 73 -9.64 8.99 -9.22
CA VAL A 73 -8.30 8.87 -9.80
C VAL A 73 -8.49 9.07 -11.32
N THR A 74 -7.57 9.73 -12.00
CA THR A 74 -7.64 9.75 -13.46
C THR A 74 -6.55 8.91 -14.09
N ILE A 75 -6.92 8.20 -15.14
CA ILE A 75 -6.02 7.34 -15.90
C ILE A 75 -6.02 7.75 -17.37
N MET A 76 -5.02 7.29 -18.10
CA MET A 76 -4.96 7.53 -19.54
C MET A 76 -4.69 6.22 -20.27
N ILE A 77 -5.32 6.07 -21.42
CA ILE A 77 -5.14 4.91 -22.27
C ILE A 77 -4.81 5.45 -23.66
N GLY A 78 -3.75 4.90 -24.25
CA GLY A 78 -3.27 5.37 -25.54
C GLY A 78 -3.06 4.22 -26.50
N HIS A 79 -3.19 4.51 -27.79
CA HIS A 79 -2.85 3.56 -28.84
C HIS A 79 -2.56 4.37 -30.09
N ASN A 80 -1.70 3.86 -30.96
CA ASN A 80 -1.43 4.58 -32.22
C ASN A 80 -2.59 4.45 -33.20
N ASP A 81 -3.43 3.43 -32.98
CA ASP A 81 -4.57 3.15 -33.86
C ASP A 81 -5.84 3.54 -33.10
N GLU A 82 -6.60 4.46 -33.69
CA GLU A 82 -7.78 5.02 -33.04
C GLU A 82 -8.91 4.01 -32.87
N ASP A 83 -8.99 3.05 -33.78
CA ASP A 83 -10.01 2.01 -33.69
C ASP A 83 -9.66 0.99 -32.61
N GLU A 84 -8.36 0.74 -32.42
CA GLU A 84 -7.89 -0.11 -31.34
C GLU A 84 -8.17 0.57 -30.01
N LEU A 85 -7.93 1.88 -29.96
CA LEU A 85 -8.16 2.62 -28.73
C LEU A 85 -9.62 2.53 -28.30
N LYS A 86 -10.54 2.68 -29.24
CA LYS A 86 -11.95 2.63 -28.91
C LYS A 86 -12.36 1.27 -28.36
N GLU A 87 -11.73 0.22 -28.87
CA GLU A 87 -12.00 -1.15 -28.43
C GLU A 87 -11.46 -1.36 -27.01
N GLN A 88 -10.26 -0.83 -26.78
CA GLN A 88 -9.60 -0.91 -25.48
C GLN A 88 -10.35 -0.15 -24.39
N LEU A 89 -10.97 0.97 -24.74
CA LEU A 89 -11.80 1.69 -23.79
C LEU A 89 -13.00 0.85 -23.39
N LEU A 90 -13.61 0.20 -24.38
CA LEU A 90 -14.81 -0.60 -24.16
C LEU A 90 -14.51 -1.81 -23.29
N ASP A 91 -13.42 -2.50 -23.59
CA ASP A 91 -13.03 -3.72 -22.88
C ASP A 91 -12.55 -3.42 -21.46
N ARG A 92 -11.64 -2.46 -21.33
CA ARG A 92 -11.08 -2.13 -20.03
C ARG A 92 -12.14 -1.55 -19.11
N ILE A 93 -13.00 -0.67 -19.62
CA ILE A 93 -14.05 -0.13 -18.77
C ILE A 93 -15.13 -1.17 -18.49
N GLY A 94 -15.47 -1.98 -19.49
CA GLY A 94 -16.47 -3.01 -19.32
C GLY A 94 -16.08 -4.13 -18.37
N GLN A 95 -14.84 -4.62 -18.49
CA GLN A 95 -14.40 -5.78 -17.71
C GLN A 95 -13.68 -5.42 -16.41
N CYS A 96 -13.13 -4.22 -16.35
CA CYS A 96 -12.25 -3.86 -15.24
C CYS A 96 -12.84 -2.82 -14.31
N VAL A 97 -13.81 -2.05 -14.79
CA VAL A 97 -14.35 -0.94 -14.01
C VAL A 97 -15.82 -1.19 -13.71
N MET A 98 -16.59 -1.61 -14.72
CA MET A 98 -17.98 -1.98 -14.48
C MET A 98 -18.09 -3.12 -13.45
N THR A 99 -17.12 -4.04 -13.51
CA THR A 99 -17.07 -5.18 -12.61
C THR A 99 -16.54 -4.83 -11.21
N ALA A 100 -15.91 -3.66 -11.07
CA ALA A 100 -15.23 -3.31 -9.83
C ALA A 100 -16.18 -2.72 -8.80
N PRO A 101 -16.05 -3.15 -7.53
CA PRO A 101 -16.96 -2.67 -6.48
C PRO A 101 -17.03 -1.14 -6.40
N THR A 102 -18.25 -0.65 -6.59
CA THR A 102 -18.64 0.75 -6.42
C THR A 102 -18.11 1.73 -7.47
N ALA A 103 -17.32 1.25 -8.44
CA ALA A 103 -16.65 2.16 -9.36
C ALA A 103 -17.58 2.71 -10.46
N SER A 104 -17.43 4.01 -10.72
CA SER A 104 -18.05 4.67 -11.87
C SER A 104 -16.96 5.21 -12.81
N ALA A 105 -17.30 5.44 -14.08
CA ALA A 105 -16.36 5.99 -15.05
C ALA A 105 -16.90 7.24 -15.74
N PHE A 106 -16.11 8.31 -15.71
CA PHE A 106 -16.49 9.58 -16.31
C PHE A 106 -15.40 10.02 -17.28
N ASP A 107 -15.77 10.90 -18.20
CA ASP A 107 -14.79 11.47 -19.12
C ASP A 107 -13.98 12.56 -18.40
N ALA A 108 -12.66 12.53 -18.60
CA ALA A 108 -11.79 13.60 -18.11
C ALA A 108 -10.87 14.14 -19.20
N MET A 109 -11.31 14.04 -20.45
CA MET A 109 -10.59 14.64 -21.54
C MET A 109 -10.92 16.13 -21.58
N PRO A 110 -9.92 17.00 -21.40
CA PRO A 110 -10.16 18.44 -21.42
C PRO A 110 -10.76 18.88 -22.75
N GLU A 111 -11.73 19.80 -22.68
CA GLU A 111 -12.40 20.33 -23.85
C GLU A 111 -11.44 20.79 -24.93
N ALA A 112 -10.42 21.53 -24.51
CA ALA A 112 -9.42 22.06 -25.43
C ALA A 112 -8.73 20.97 -26.24
N GLU A 113 -8.51 19.81 -25.63
CA GLU A 113 -7.73 18.75 -26.26
C GLU A 113 -8.62 17.87 -27.13
N LYS A 114 -9.92 17.94 -26.92
CA LYS A 114 -10.85 16.99 -27.52
C LYS A 114 -10.95 17.14 -29.05
N GLU A 115 -10.73 16.04 -29.76
CA GLU A 115 -10.77 16.05 -31.22
C GLU A 115 -11.91 15.20 -31.75
N ASP A 116 -12.05 14.01 -31.18
CA ASP A 116 -13.15 13.12 -31.54
C ASP A 116 -13.74 12.59 -30.23
N GLU A 117 -14.68 11.67 -30.33
CA GLU A 117 -15.16 10.94 -29.17
C GLU A 117 -15.91 9.68 -29.54
N ASP A 118 -16.03 8.77 -28.58
CA ASP A 118 -16.73 7.51 -28.77
C ASP A 118 -17.74 7.34 -27.65
N ARG A 119 -18.94 6.90 -28.00
CA ARG A 119 -19.99 6.70 -27.02
C ARG A 119 -19.80 5.35 -26.34
N VAL A 120 -18.72 5.24 -25.56
CA VAL A 120 -18.38 3.98 -24.90
C VAL A 120 -19.44 3.63 -23.88
N GLY A 121 -19.95 4.63 -23.19
CA GLY A 121 -20.98 4.43 -22.19
C GLY A 121 -22.28 3.95 -22.78
N TYR A 122 -22.68 4.54 -23.91
CA TYR A 122 -23.88 4.11 -24.61
C TYR A 122 -23.77 2.64 -25.03
N LYS A 123 -22.63 2.27 -25.61
CA LYS A 123 -22.39 0.90 -26.04
C LYS A 123 -22.40 -0.09 -24.88
N LEU A 124 -21.92 0.34 -23.70
CA LEU A 124 -21.92 -0.52 -22.53
C LEU A 124 -23.32 -0.63 -21.93
N SER A 125 -24.15 0.36 -22.19
CA SER A 125 -25.44 0.48 -21.52
C SER A 125 -26.40 -0.66 -21.87
N PHE A 126 -26.17 -1.29 -23.02
CA PHE A 126 -26.99 -2.42 -23.46
C PHE A 126 -26.87 -3.63 -22.56
N PHE A 127 -25.80 -3.67 -21.77
CA PHE A 127 -25.63 -4.67 -20.72
C PHE A 127 -26.84 -4.69 -19.78
N GLY A 128 -27.51 -3.54 -19.63
CA GLY A 128 -28.70 -3.46 -18.79
C GLY A 128 -29.92 -4.25 -19.27
N ASP A 129 -29.81 -4.88 -20.44
CA ASP A 129 -30.89 -5.69 -21.02
C ASP A 129 -32.25 -5.00 -21.02
N GLY A 130 -32.26 -3.72 -21.33
CA GLY A 130 -33.50 -2.99 -21.42
C GLY A 130 -33.85 -2.21 -20.17
N TYR A 131 -33.19 -2.53 -19.06
CA TYR A 131 -33.42 -1.82 -17.81
C TYR A 131 -32.51 -0.61 -17.61
N GLN A 132 -31.51 -0.46 -18.47
CA GLN A 132 -30.63 0.73 -18.42
C GLN A 132 -31.45 2.01 -18.57
N GLU A 133 -31.05 3.05 -17.85
CA GLU A 133 -31.76 4.30 -17.85
C GLU A 133 -30.79 5.45 -18.05
N GLU A 134 -31.15 6.38 -18.91
CA GLU A 134 -30.33 7.56 -19.16
C GLU A 134 -30.55 8.54 -18.03
N ASP A 135 -29.52 9.31 -17.69
CA ASP A 135 -29.65 10.32 -16.65
C ASP A 135 -28.67 11.46 -16.88
N GLU A 136 -28.85 12.54 -16.14
CA GLU A 136 -27.89 13.62 -16.12
C GLU A 136 -27.32 13.79 -14.72
N LEU A 137 -25.99 13.81 -14.65
CA LEU A 137 -25.26 13.99 -13.40
C LEU A 137 -24.20 15.06 -13.58
N ASP A 138 -24.44 16.21 -12.94
CA ASP A 138 -23.53 17.35 -12.99
C ASP A 138 -23.32 17.83 -14.42
N GLY A 139 -24.41 17.93 -15.16
CA GLY A 139 -24.36 18.40 -16.54
C GLY A 139 -23.98 17.32 -17.53
N ARG A 140 -23.58 16.15 -17.03
CA ARG A 140 -23.11 15.07 -17.88
C ARG A 140 -24.24 14.13 -18.20
N LYS A 141 -24.23 13.61 -19.41
CA LYS A 141 -25.15 12.56 -19.82
C LYS A 141 -24.54 11.23 -19.44
N VAL A 142 -25.19 10.53 -18.53
CA VAL A 142 -24.68 9.26 -18.03
C VAL A 142 -25.73 8.16 -18.20
N TRP A 143 -25.26 6.91 -18.23
CA TRP A 143 -26.15 5.76 -18.12
C TRP A 143 -26.10 5.11 -16.74
N LYS A 144 -27.26 4.85 -16.17
CA LYS A 144 -27.37 4.05 -14.96
C LYS A 144 -27.74 2.64 -15.36
N ILE A 145 -26.80 1.72 -15.20
CA ILE A 145 -26.98 0.34 -15.62
C ILE A 145 -27.20 -0.54 -14.39
N PRO A 146 -28.37 -1.19 -14.29
CA PRO A 146 -28.66 -2.09 -13.17
C PRO A 146 -27.69 -3.26 -13.13
N VAL A 147 -27.03 -3.45 -11.98
CA VAL A 147 -26.09 -4.56 -11.79
C VAL A 147 -26.35 -5.20 -10.42
N VAL A 148 -25.80 -6.38 -10.19
CA VAL A 148 -26.08 -7.11 -8.95
C VAL A 148 -25.74 -6.31 -7.67
N GLU A 149 -24.73 -5.45 -7.75
CA GLU A 149 -24.39 -4.58 -6.64
C GLU A 149 -25.39 -3.43 -6.45
N GLY A 150 -25.97 -2.96 -7.55
CA GLY A 150 -26.92 -1.85 -7.49
C GLY A 150 -27.03 -1.18 -8.84
N GLU A 151 -26.23 -0.14 -9.05
CA GLU A 151 -26.15 0.53 -10.34
C GLU A 151 -24.71 0.82 -10.67
N PHE A 152 -24.39 0.77 -11.95
CA PHE A 152 -23.10 1.24 -12.45
C PHE A 152 -23.36 2.52 -13.27
N ILE A 153 -22.62 3.58 -12.97
CA ILE A 153 -22.78 4.86 -13.65
C ILE A 153 -21.60 5.07 -14.61
N VAL A 154 -21.91 5.40 -15.86
CA VAL A 154 -20.85 5.67 -16.83
C VAL A 154 -21.30 6.77 -17.79
N GLU A 155 -20.44 7.75 -18.02
CA GLU A 155 -20.72 8.81 -18.96
C GLU A 155 -21.00 8.22 -20.34
N ASP A 156 -21.86 8.89 -21.11
CA ASP A 156 -22.31 8.41 -22.41
C ASP A 156 -21.15 8.29 -23.40
N SER A 157 -20.30 9.31 -23.44
CA SER A 157 -19.19 9.32 -24.39
C SER A 157 -17.90 9.82 -23.77
N PHE A 158 -16.80 9.51 -24.42
CA PHE A 158 -15.47 9.87 -23.93
C PHE A 158 -14.69 10.58 -25.03
N GLY A 159 -14.13 11.74 -24.69
CA GLY A 159 -13.23 12.43 -25.60
C GLY A 159 -11.98 11.68 -26.02
N ILE A 160 -11.51 11.99 -27.21
CA ILE A 160 -10.31 11.40 -27.76
C ILE A 160 -9.47 12.54 -28.34
N THR A 161 -8.16 12.41 -28.24
CA THR A 161 -7.25 13.43 -28.73
C THR A 161 -6.01 12.76 -29.34
N THR A 162 -5.26 13.51 -30.12
CA THR A 162 -3.96 13.07 -30.57
C THR A 162 -2.92 13.59 -29.58
N GLY A 163 -2.38 12.66 -28.79
CA GLY A 163 -1.37 13.03 -27.82
C GLY A 163 0.02 12.71 -28.31
N VAL A 164 0.93 12.52 -27.38
CA VAL A 164 2.34 12.37 -27.67
C VAL A 164 2.81 11.12 -26.93
N ALA A 165 3.37 10.17 -27.67
CA ALA A 165 3.89 8.94 -27.08
C ALA A 165 5.40 8.78 -27.27
N GLY A 166 6.06 8.23 -26.26
CA GLY A 166 7.45 7.88 -26.43
C GLY A 166 8.46 8.97 -26.10
N GLY A 167 8.04 10.02 -25.40
CA GLY A 167 9.00 10.90 -24.73
C GLY A 167 9.82 10.05 -23.78
N ASN A 168 11.13 10.30 -23.69
CA ASN A 168 11.99 9.37 -22.97
C ASN A 168 13.26 10.03 -22.46
N PHE A 169 13.87 9.40 -21.45
CA PHE A 169 15.28 9.63 -21.15
C PHE A 169 15.90 8.41 -20.48
N TYR A 170 17.22 8.31 -20.57
CA TYR A 170 17.97 7.22 -19.98
C TYR A 170 18.74 7.73 -18.79
N ILE A 171 18.70 6.96 -17.70
CA ILE A 171 19.53 7.24 -16.55
C ILE A 171 20.69 6.24 -16.58
N MET A 172 21.89 6.78 -16.68
CA MET A 172 23.10 5.97 -16.69
C MET A 172 23.78 6.07 -15.31
N ALA A 173 23.86 4.95 -14.61
CA ALA A 173 24.32 4.94 -13.22
C ALA A 173 25.48 3.98 -12.97
N GLU A 174 26.12 4.14 -11.82
CA GLU A 174 27.30 3.36 -11.44
C GLU A 174 26.97 1.92 -11.05
N SER A 175 25.69 1.64 -10.79
CA SER A 175 25.24 0.34 -10.30
C SER A 175 23.74 0.23 -10.52
N GLN A 176 23.21 -0.99 -10.44
CA GLN A 176 21.78 -1.21 -10.54
C GLN A 176 20.99 -0.55 -9.38
N PRO A 177 21.46 -0.71 -8.13
CA PRO A 177 20.75 -0.02 -7.05
C PRO A 177 20.72 1.50 -7.18
N ALA A 178 21.85 2.11 -7.56
CA ALA A 178 21.92 3.57 -7.72
C ALA A 178 20.98 4.01 -8.86
N GLY A 179 20.98 3.25 -9.94
CA GLY A 179 20.07 3.48 -11.06
C GLY A 179 18.61 3.41 -10.70
N LEU A 180 18.23 2.41 -9.91
CA LEU A 180 16.84 2.22 -9.53
C LEU A 180 16.38 3.28 -8.53
N GLN A 181 17.26 3.71 -7.63
CA GLN A 181 16.88 4.75 -6.69
C GLN A 181 16.66 6.06 -7.44
N ALA A 182 17.53 6.34 -8.42
CA ALA A 182 17.39 7.53 -9.26
C ALA A 182 16.10 7.49 -10.08
N ALA A 183 15.76 6.31 -10.59
CA ALA A 183 14.62 6.15 -11.49
C ALA A 183 13.29 6.27 -10.77
N GLU A 184 13.20 5.74 -9.56
CA GLU A 184 11.98 5.89 -8.79
C GLU A 184 11.75 7.34 -8.35
N ALA A 185 12.80 8.05 -7.99
CA ALA A 185 12.69 9.46 -7.68
C ALA A 185 12.10 10.22 -8.86
N ALA A 186 12.58 9.88 -10.06
CA ALA A 186 12.14 10.49 -11.31
C ALA A 186 10.65 10.22 -11.56
N VAL A 187 10.23 8.99 -11.38
CA VAL A 187 8.81 8.64 -11.50
C VAL A 187 7.93 9.29 -10.42
N ASP A 188 8.43 9.41 -9.19
CA ASP A 188 7.73 10.17 -8.15
C ASP A 188 7.45 11.62 -8.58
N ALA A 189 8.41 12.24 -9.26
CA ALA A 189 8.22 13.60 -9.78
C ALA A 189 7.17 13.65 -10.90
N ILE A 190 7.28 12.75 -11.85
CA ILE A 190 6.32 12.63 -12.96
C ILE A 190 4.87 12.43 -12.48
N LYS A 191 4.70 11.79 -11.33
CA LYS A 191 3.37 11.60 -10.77
C LYS A 191 2.64 12.93 -10.63
N GLY A 192 3.38 13.99 -10.39
CA GLY A 192 2.79 15.29 -10.13
C GLY A 192 2.47 16.13 -11.36
N VAL A 193 2.78 15.60 -12.55
CA VAL A 193 2.58 16.35 -13.79
C VAL A 193 1.26 15.95 -14.44
N GLU A 194 0.33 16.87 -14.53
CA GLU A 194 -1.01 16.56 -15.03
C GLU A 194 -1.00 16.30 -16.52
N GLY A 195 -1.64 15.23 -16.95
CA GLY A 195 -1.70 14.89 -18.36
C GLY A 195 -0.53 14.09 -18.89
N ALA A 196 0.35 13.60 -18.01
CA ALA A 196 1.43 12.71 -18.41
C ALA A 196 1.38 11.43 -17.60
N TYR A 197 1.71 10.31 -18.24
CA TYR A 197 1.81 9.04 -17.53
C TYR A 197 3.02 8.23 -18.01
N ALA A 198 3.44 7.27 -17.20
CA ALA A 198 4.62 6.46 -17.50
C ALA A 198 4.21 4.99 -17.48
N PRO A 199 3.97 4.40 -18.67
CA PRO A 199 3.19 3.16 -18.80
C PRO A 199 3.88 1.87 -18.34
N PHE A 200 5.20 1.89 -18.20
CA PHE A 200 5.95 0.67 -17.87
C PHE A 200 5.84 0.33 -16.38
N PRO A 201 6.29 -0.87 -15.96
CA PRO A 201 6.02 -1.22 -14.55
C PRO A 201 6.81 -0.30 -13.62
N GLY A 202 6.10 0.36 -12.71
CA GLY A 202 6.71 1.36 -11.85
C GLY A 202 7.18 2.57 -12.64
N GLY A 203 6.74 2.71 -13.88
CA GLY A 203 7.19 3.81 -14.74
C GLY A 203 8.56 3.61 -15.36
N ILE A 204 9.15 2.43 -15.16
CA ILE A 204 10.56 2.22 -15.43
C ILE A 204 10.76 1.05 -16.39
N VAL A 205 11.62 1.26 -17.38
CA VAL A 205 11.97 0.22 -18.36
C VAL A 205 13.33 -0.42 -18.02
N ALA A 206 13.29 -1.69 -17.64
CA ALA A 206 14.50 -2.42 -17.30
C ALA A 206 15.16 -3.06 -18.53
N SER A 207 14.39 -3.19 -19.62
CA SER A 207 14.86 -3.94 -20.77
C SER A 207 14.62 -3.13 -22.05
N ALA A 208 15.30 -1.99 -22.16
CA ALA A 208 15.19 -1.12 -23.35
C ALA A 208 15.63 -1.86 -24.61
N SER A 209 14.89 -1.68 -25.69
CA SER A 209 15.12 -2.45 -26.91
C SER A 209 15.63 -1.58 -28.06
N LYS A 210 16.19 -2.24 -29.06
CA LYS A 210 16.47 -1.61 -30.34
C LYS A 210 15.50 -2.18 -31.37
N VAL A 211 15.43 -1.55 -32.53
CA VAL A 211 14.59 -2.02 -33.63
C VAL A 211 15.24 -3.21 -34.31
N GLY A 212 14.43 -4.26 -34.52
CA GLY A 212 14.92 -5.46 -35.18
C GLY A 212 15.93 -6.23 -34.35
N SER A 213 16.79 -6.96 -35.03
CA SER A 213 17.67 -7.94 -34.41
C SER A 213 18.88 -8.12 -35.34
N LYS A 214 20.07 -8.27 -34.78
CA LYS A 214 21.27 -8.54 -35.56
C LYS A 214 21.33 -9.98 -36.03
N GLN A 215 20.77 -10.88 -35.23
CA GLN A 215 20.94 -12.31 -35.44
C GLN A 215 19.68 -13.00 -35.96
N TYR A 216 18.53 -12.36 -35.77
CA TYR A 216 17.25 -13.01 -35.99
C TYR A 216 16.31 -12.20 -36.88
N ASP A 217 15.97 -12.81 -38.01
CA ASP A 217 15.04 -12.22 -38.97
C ASP A 217 13.62 -12.12 -38.41
N PHE A 218 13.33 -12.89 -37.38
CA PHE A 218 11.95 -13.05 -36.94
C PHE A 218 11.59 -12.12 -35.80
N LEU A 219 12.53 -11.26 -35.41
CA LEU A 219 12.33 -10.34 -34.29
C LEU A 219 12.03 -8.93 -34.78
N PRO A 220 10.96 -8.29 -34.25
CA PRO A 220 10.71 -6.86 -34.45
C PRO A 220 11.54 -5.93 -33.55
N ALA A 221 11.87 -6.41 -32.36
CA ALA A 221 12.70 -5.65 -31.43
C ALA A 221 13.56 -6.62 -30.64
N SER A 222 14.72 -6.15 -30.18
CA SER A 222 15.60 -6.98 -29.37
C SER A 222 16.32 -6.09 -28.36
N THR A 223 17.10 -6.70 -27.48
CA THR A 223 17.81 -5.94 -26.45
C THR A 223 18.72 -4.87 -27.07
N ASN A 224 18.74 -3.68 -26.46
CA ASN A 224 19.67 -2.65 -26.89
C ASN A 224 21.06 -2.94 -26.34
N ASP A 225 21.82 -3.72 -27.10
CA ASP A 225 23.10 -4.26 -26.66
C ASP A 225 24.21 -3.22 -26.53
N ALA A 226 24.03 -2.07 -27.17
CA ALA A 226 24.96 -0.95 -27.01
C ALA A 226 24.96 -0.46 -25.57
N TYR A 227 23.83 -0.63 -24.90
CA TYR A 227 23.64 -0.10 -23.56
C TYR A 227 23.54 -1.21 -22.51
N CYS A 228 23.96 -2.41 -22.88
CA CYS A 228 23.90 -3.56 -21.99
C CYS A 228 25.24 -3.72 -21.29
N PRO A 229 25.27 -3.50 -19.96
CA PRO A 229 26.52 -3.50 -19.21
C PRO A 229 27.28 -4.82 -19.25
N THR A 230 26.58 -5.92 -19.51
CA THR A 230 27.25 -7.23 -19.54
C THR A 230 27.64 -7.68 -20.95
N VAL A 231 27.23 -6.93 -21.96
CA VAL A 231 27.71 -7.16 -23.31
C VAL A 231 29.08 -6.49 -23.47
N GLU A 232 30.11 -7.31 -23.64
CA GLU A 232 31.52 -6.90 -23.55
C GLU A 232 31.89 -5.75 -24.47
N ASP A 233 31.12 -5.58 -25.53
CA ASP A 233 31.36 -4.53 -26.49
C ASP A 233 30.18 -3.56 -26.53
N ASN A 234 29.82 -3.03 -25.36
CA ASN A 234 28.79 -2.01 -25.28
C ASN A 234 29.34 -0.59 -25.48
N GLU A 235 28.45 0.35 -25.77
CA GLU A 235 28.80 1.75 -25.99
C GLU A 235 28.71 2.60 -24.72
N LEU A 236 28.60 1.97 -23.55
CA LEU A 236 28.47 2.71 -22.31
C LEU A 236 29.77 3.43 -21.93
N PRO A 237 29.64 4.67 -21.44
CA PRO A 237 30.80 5.37 -20.84
C PRO A 237 31.38 4.65 -19.63
N GLU A 238 32.63 5.01 -19.31
CA GLU A 238 33.31 4.37 -18.20
C GLU A 238 32.59 4.66 -16.89
N GLY A 239 32.38 3.59 -16.11
CA GLY A 239 31.78 3.75 -14.80
C GLY A 239 30.29 3.53 -14.77
N VAL A 240 29.67 3.37 -15.93
CA VAL A 240 28.24 3.07 -15.99
C VAL A 240 28.03 1.56 -15.99
N LYS A 241 27.32 1.05 -15.00
CA LYS A 241 27.07 -0.39 -14.91
C LYS A 241 25.58 -0.73 -15.00
N CYS A 242 24.75 0.28 -15.21
CA CYS A 242 23.32 0.06 -15.28
C CYS A 242 22.68 1.24 -16.01
N VAL A 243 21.77 0.92 -16.92
CA VAL A 243 20.94 1.93 -17.58
C VAL A 243 19.47 1.60 -17.36
N TYR A 244 18.68 2.60 -17.03
CA TYR A 244 17.23 2.45 -17.02
C TYR A 244 16.66 3.49 -17.98
N GLU A 245 15.57 3.14 -18.66
CA GLU A 245 14.84 4.11 -19.46
C GLU A 245 13.52 4.49 -18.80
N ILE A 246 13.20 5.78 -18.83
CA ILE A 246 11.86 6.25 -18.50
C ILE A 246 11.15 6.69 -19.79
N VAL A 247 9.98 6.10 -20.03
CA VAL A 247 9.14 6.40 -21.19
C VAL A 247 7.87 7.10 -20.72
N ILE A 248 7.55 8.23 -21.34
CA ILE A 248 6.46 9.12 -20.91
C ILE A 248 5.50 9.39 -22.08
N ASN A 249 4.21 9.21 -21.84
CA ASN A 249 3.19 9.59 -22.81
C ASN A 249 2.38 10.74 -22.19
N GLY A 250 1.67 11.50 -23.01
CA GLY A 250 1.02 12.69 -22.50
C GLY A 250 -0.03 13.25 -23.46
N LEU A 251 -0.84 14.19 -22.97
CA LEU A 251 -1.93 14.75 -23.76
C LEU A 251 -1.38 15.61 -24.90
N ASN A 252 -0.22 16.22 -24.66
CA ASN A 252 0.36 17.17 -25.58
C ASN A 252 1.85 17.31 -25.30
N GLU A 253 2.54 18.02 -26.18
CA GLU A 253 3.98 18.12 -26.07
C GLU A 253 4.42 18.77 -24.76
N GLU A 254 3.61 19.71 -24.26
CA GLU A 254 4.02 20.47 -23.09
C GLU A 254 4.01 19.61 -21.82
N ALA A 255 3.03 18.73 -21.70
CA ALA A 255 2.93 17.82 -20.56
C ALA A 255 4.11 16.82 -20.56
N VAL A 256 4.51 16.39 -21.76
CA VAL A 256 5.65 15.50 -21.93
C VAL A 256 6.98 16.20 -21.62
N LYS A 257 7.16 17.42 -22.12
CA LYS A 257 8.34 18.22 -21.80
C LYS A 257 8.48 18.45 -20.30
N GLU A 258 7.38 18.76 -19.64
CA GLU A 258 7.41 19.09 -18.22
C GLU A 258 7.76 17.83 -17.39
N ALA A 259 7.15 16.71 -17.74
CA ALA A 259 7.45 15.41 -17.14
C ALA A 259 8.92 14.98 -17.31
N MET A 260 9.47 15.19 -18.50
CA MET A 260 10.90 14.96 -18.71
C MET A 260 11.74 15.88 -17.83
N ARG A 261 11.32 17.14 -17.70
CA ARG A 261 12.10 18.13 -16.99
C ARG A 261 12.17 17.81 -15.49
N VAL A 262 11.01 17.55 -14.88
CA VAL A 262 10.96 17.26 -13.44
C VAL A 262 11.51 15.86 -13.11
N GLY A 263 11.38 14.94 -14.06
CA GLY A 263 11.92 13.60 -13.88
C GLY A 263 13.42 13.59 -13.88
N ILE A 264 14.03 14.30 -14.83
CA ILE A 264 15.48 14.43 -14.93
C ILE A 264 16.07 15.19 -13.74
N GLU A 265 15.38 16.25 -13.31
CA GLU A 265 15.84 17.02 -12.17
C GLU A 265 15.86 16.14 -10.93
N ALA A 266 14.80 15.35 -10.73
CA ALA A 266 14.69 14.48 -9.55
C ALA A 266 15.71 13.35 -9.57
N ALA A 267 15.93 12.76 -10.74
CA ALA A 267 16.91 11.68 -10.89
C ALA A 267 18.32 12.18 -10.53
N CYS A 268 18.62 13.43 -10.87
CA CYS A 268 19.96 13.96 -10.70
C CYS A 268 20.28 14.33 -9.26
N GLN A 269 19.28 14.36 -8.40
CA GLN A 269 19.52 14.57 -6.97
C GLN A 269 20.00 13.30 -6.26
N GLN A 270 19.86 12.15 -6.90
CA GLN A 270 20.17 10.88 -6.25
C GLN A 270 21.62 10.48 -6.55
N PRO A 271 22.30 9.81 -5.61
CA PRO A 271 23.71 9.45 -5.73
C PRO A 271 24.01 8.39 -6.79
N GLY A 272 25.19 8.47 -7.39
CA GLY A 272 25.63 7.42 -8.28
C GLY A 272 25.18 7.56 -9.73
N VAL A 273 24.54 8.68 -10.06
CA VAL A 273 24.09 8.88 -11.43
C VAL A 273 25.19 9.57 -12.22
N VAL A 274 25.49 9.04 -13.41
CA VAL A 274 26.62 9.50 -14.20
C VAL A 274 26.24 10.45 -15.34
N LYS A 275 25.17 10.14 -16.06
CA LYS A 275 24.84 10.85 -17.27
C LYS A 275 23.38 10.58 -17.59
N ILE A 276 22.70 11.62 -18.07
CA ILE A 276 21.36 11.50 -18.65
C ILE A 276 21.46 11.63 -20.18
N SER A 277 20.81 10.72 -20.89
CA SER A 277 20.72 10.78 -22.34
C SER A 277 19.28 10.52 -22.79
N ALA A 278 19.07 10.40 -24.09
CA ALA A 278 17.74 10.10 -24.62
C ALA A 278 17.88 9.42 -25.97
N GLY A 279 16.80 8.82 -26.45
CA GLY A 279 16.85 8.04 -27.67
C GLY A 279 16.05 8.68 -28.80
N ASN A 280 16.63 8.65 -29.99
CA ASN A 280 15.96 9.18 -31.18
C ASN A 280 16.30 8.33 -32.42
N PHE A 281 15.68 8.70 -33.55
CA PHE A 281 15.96 8.06 -34.83
C PHE A 281 16.43 9.11 -35.82
N GLY A 282 17.32 10.00 -35.37
CA GLY A 282 17.86 11.03 -36.24
C GLY A 282 16.89 12.15 -36.60
N GLY A 283 15.69 12.10 -36.02
CA GLY A 283 14.66 13.08 -36.32
C GLY A 283 13.83 12.70 -37.55
N LYS A 284 13.97 11.47 -38.02
CA LYS A 284 13.44 11.06 -39.32
C LYS A 284 12.23 10.13 -39.28
N LEU A 285 11.70 9.84 -38.09
CA LEU A 285 10.52 9.00 -37.95
C LEU A 285 9.38 9.67 -37.19
N GLY A 286 9.72 10.42 -36.15
CA GLY A 286 8.73 10.91 -35.20
C GLY A 286 8.25 12.31 -35.50
N GLN A 287 7.29 12.79 -34.71
CA GLN A 287 6.67 14.08 -34.94
C GLN A 287 7.20 15.15 -33.99
N TYR A 288 7.95 14.72 -32.97
CA TYR A 288 8.44 15.64 -31.94
C TYR A 288 9.89 15.38 -31.67
N GLU A 289 10.63 16.46 -31.43
CA GLU A 289 11.99 16.37 -30.95
C GLU A 289 12.08 17.23 -29.70
N ILE A 290 12.47 16.63 -28.59
CA ILE A 290 12.56 17.32 -27.32
C ILE A 290 14.03 17.33 -26.93
N HIS A 291 14.69 18.45 -27.21
CA HIS A 291 16.10 18.58 -26.89
C HIS A 291 16.25 18.77 -25.39
N LEU A 292 17.06 17.91 -24.77
CA LEU A 292 17.23 17.93 -23.33
C LEU A 292 17.73 19.28 -22.80
N HIS A 293 18.67 19.89 -23.51
CA HIS A 293 19.21 21.18 -23.09
C HIS A 293 18.17 22.31 -23.08
N ASP A 294 17.16 22.21 -23.94
CA ASP A 294 16.11 23.20 -23.99
C ASP A 294 15.12 23.09 -22.85
N LEU A 295 15.15 21.97 -22.13
CA LEU A 295 14.24 21.78 -21.01
C LEU A 295 14.64 22.64 -19.82
N PHE A 296 15.91 23.02 -19.76
CA PHE A 296 16.45 23.67 -18.58
C PHE A 296 16.89 25.07 -18.93
N MET B 1 -29.52 -25.17 6.19
CA MET B 1 -28.16 -24.98 6.76
C MET B 1 -27.91 -23.51 6.95
N GLU B 2 -27.35 -23.16 8.11
CA GLU B 2 -26.97 -21.79 8.39
C GLU B 2 -25.57 -21.76 8.99
N ILE B 3 -24.84 -20.70 8.65
CA ILE B 3 -23.56 -20.41 9.27
C ILE B 3 -23.67 -19.04 9.89
N ASN B 4 -23.57 -18.99 11.22
CA ASN B 4 -23.71 -17.77 11.97
C ASN B 4 -25.05 -17.08 11.66
N GLY B 5 -26.09 -17.90 11.51
CA GLY B 5 -27.42 -17.40 11.21
C GLY B 5 -27.65 -17.01 9.76
N VAL B 6 -26.63 -17.20 8.94
CA VAL B 6 -26.72 -16.87 7.52
C VAL B 6 -27.15 -18.11 6.75
N GLU B 7 -28.27 -18.00 6.06
CA GLU B 7 -28.79 -19.09 5.24
C GLU B 7 -27.86 -19.46 4.08
N ILE B 8 -27.46 -20.72 4.01
CA ILE B 8 -26.69 -21.24 2.87
C ILE B 8 -27.62 -22.02 1.95
N GLU B 9 -27.82 -21.49 0.75
CA GLU B 9 -28.68 -22.13 -0.23
C GLU B 9 -28.14 -23.47 -0.68
N ASP B 10 -29.01 -24.47 -0.71
CA ASP B 10 -28.66 -25.82 -1.19
C ASP B 10 -28.66 -25.82 -2.72
N THR B 11 -27.56 -25.35 -3.29
CA THR B 11 -27.42 -25.24 -4.72
C THR B 11 -25.96 -25.50 -5.05
N PHE B 12 -25.58 -25.31 -6.30
CA PHE B 12 -24.21 -25.59 -6.71
C PHE B 12 -23.59 -24.48 -7.56
N ALA B 13 -22.27 -24.39 -7.50
CA ALA B 13 -21.49 -23.59 -8.44
C ALA B 13 -21.09 -24.48 -9.61
N GLU B 14 -21.37 -24.04 -10.82
CA GLU B 14 -20.97 -24.77 -12.02
C GLU B 14 -19.68 -24.20 -12.60
N ALA B 15 -18.63 -25.00 -12.57
CA ALA B 15 -17.30 -24.56 -13.00
C ALA B 15 -16.89 -25.28 -14.28
N PHE B 16 -15.80 -24.82 -14.88
CA PHE B 16 -15.37 -25.29 -16.18
C PHE B 16 -13.92 -25.71 -16.14
N GLU B 17 -13.48 -26.43 -17.15
CA GLU B 17 -12.06 -26.75 -17.31
C GLU B 17 -11.34 -25.60 -17.99
N ALA B 18 -10.14 -25.29 -17.51
CA ALA B 18 -9.34 -24.23 -18.12
C ALA B 18 -7.88 -24.58 -17.99
N LYS B 19 -7.09 -24.09 -18.95
CA LYS B 19 -5.64 -24.27 -18.91
C LYS B 19 -5.03 -23.17 -18.06
N MET B 20 -4.02 -23.54 -17.27
CA MET B 20 -3.48 -22.65 -16.24
C MET B 20 -1.99 -22.82 -16.09
N ALA B 21 -1.30 -21.71 -15.90
CA ALA B 21 0.11 -21.70 -15.57
C ALA B 21 0.27 -21.02 -14.21
N ARG B 22 1.37 -21.35 -13.53
CA ARG B 22 1.65 -20.80 -12.21
C ARG B 22 3.10 -20.35 -12.19
N VAL B 23 3.31 -19.05 -12.04
CA VAL B 23 4.61 -18.43 -12.24
C VAL B 23 5.07 -17.76 -10.93
N LEU B 24 6.33 -18.02 -10.56
CA LEU B 24 6.95 -17.32 -9.43
C LEU B 24 7.76 -16.13 -9.92
N ILE B 25 7.46 -14.96 -9.39
CA ILE B 25 8.21 -13.77 -9.76
C ILE B 25 9.00 -13.26 -8.57
N THR B 26 10.32 -13.23 -8.71
CA THR B 26 11.19 -12.62 -7.70
C THR B 26 11.73 -11.27 -8.16
N ALA B 27 12.13 -10.44 -7.20
CA ALA B 27 12.69 -9.14 -7.48
C ALA B 27 13.57 -8.74 -6.30
N ALA B 28 14.14 -7.53 -6.35
CA ALA B 28 15.08 -7.13 -5.33
C ALA B 28 14.40 -6.97 -3.97
N SER B 29 13.11 -6.63 -4.00
CA SER B 29 12.29 -6.53 -2.79
C SER B 29 10.87 -7.01 -3.09
N HIS B 30 10.10 -7.29 -2.04
CA HIS B 30 8.67 -7.61 -2.19
C HIS B 30 7.93 -6.47 -2.89
N LYS B 31 8.38 -5.23 -2.65
CA LYS B 31 7.82 -4.05 -3.31
C LYS B 31 7.96 -4.15 -4.85
N TRP B 32 9.15 -4.45 -5.33
CA TRP B 32 9.37 -4.52 -6.79
C TRP B 32 8.77 -5.79 -7.42
N ALA B 33 8.72 -6.88 -6.65
CA ALA B 33 8.00 -8.09 -7.09
C ALA B 33 6.53 -7.78 -7.34
N MET B 34 5.94 -6.99 -6.44
CA MET B 34 4.52 -6.67 -6.52
C MET B 34 4.23 -5.72 -7.66
N ILE B 35 5.17 -4.84 -7.99
CA ILE B 35 5.03 -3.93 -9.13
C ILE B 35 4.92 -4.73 -10.45
N ALA B 36 5.81 -5.69 -10.62
CA ALA B 36 5.78 -6.54 -11.81
C ALA B 36 4.51 -7.39 -11.83
N VAL B 37 4.08 -7.85 -10.65
CA VAL B 37 2.93 -8.73 -10.53
C VAL B 37 1.63 -8.01 -10.86
N LYS B 38 1.50 -6.77 -10.40
CA LYS B 38 0.28 -6.01 -10.65
C LYS B 38 0.14 -5.68 -12.13
N GLU B 39 1.25 -5.37 -12.79
CA GLU B 39 1.22 -5.11 -14.22
C GLU B 39 0.91 -6.38 -15.04
N ALA B 40 1.47 -7.51 -14.60
CA ALA B 40 1.32 -8.78 -15.32
C ALA B 40 -0.05 -9.42 -15.19
N THR B 41 -0.76 -9.13 -14.10
CA THR B 41 -2.05 -9.78 -13.82
C THR B 41 -3.24 -8.89 -14.11
N GLY B 42 -2.97 -7.64 -14.48
CA GLY B 42 -4.03 -6.71 -14.80
C GLY B 42 -4.65 -7.00 -16.16
N PHE B 43 -5.68 -6.24 -16.52
CA PHE B 43 -6.49 -6.51 -17.69
C PHE B 43 -6.72 -8.03 -17.83
N GLY B 44 -7.24 -8.63 -16.75
CA GLY B 44 -7.34 -10.08 -16.69
C GLY B 44 -8.38 -10.61 -15.73
N THR B 45 -9.61 -10.12 -15.86
CA THR B 45 -10.69 -10.54 -14.97
C THR B 45 -11.48 -11.70 -15.57
N SER B 46 -11.67 -11.68 -16.88
CA SER B 46 -12.58 -12.60 -17.56
C SER B 46 -12.18 -12.70 -19.03
N VAL B 47 -12.06 -13.92 -19.54
CA VAL B 47 -11.66 -14.13 -20.93
C VAL B 47 -12.73 -13.72 -21.94
N ILE B 48 -13.88 -13.25 -21.46
CA ILE B 48 -14.93 -12.73 -22.33
C ILE B 48 -14.49 -11.47 -23.10
N MET B 49 -14.03 -10.44 -22.40
CA MET B 49 -13.46 -9.27 -23.07
C MET B 49 -12.02 -8.99 -22.66
N CYS B 50 -11.49 -9.75 -21.71
CA CYS B 50 -10.06 -9.63 -21.38
C CYS B 50 -9.25 -10.74 -22.05
N PRO B 51 -7.94 -10.50 -22.24
CA PRO B 51 -7.07 -11.46 -22.93
C PRO B 51 -6.79 -12.72 -22.10
N ALA B 52 -7.04 -12.67 -20.80
CA ALA B 52 -6.86 -13.83 -19.91
C ALA B 52 -7.50 -13.61 -18.56
N GLU B 53 -7.45 -14.64 -17.72
CA GLU B 53 -7.89 -14.55 -16.33
C GLU B 53 -6.71 -14.82 -15.40
N ALA B 54 -6.22 -13.77 -14.76
CA ALA B 54 -4.95 -13.82 -14.04
C ALA B 54 -5.10 -13.24 -12.63
N GLY B 55 -4.18 -13.59 -11.74
CA GLY B 55 -4.32 -13.14 -10.37
C GLY B 55 -3.23 -13.66 -9.49
N ILE B 56 -3.13 -13.08 -8.30
CA ILE B 56 -2.14 -13.49 -7.32
C ILE B 56 -2.60 -14.72 -6.58
N ASP B 57 -1.69 -15.66 -6.39
CA ASP B 57 -1.93 -16.82 -5.56
C ASP B 57 -1.32 -16.60 -4.18
N CYS B 58 -0.02 -16.80 -4.03
CA CYS B 58 0.68 -16.48 -2.80
C CYS B 58 1.32 -15.10 -2.88
N GLY B 59 0.87 -14.21 -2.01
CA GLY B 59 1.31 -12.82 -2.04
C GLY B 59 2.67 -12.57 -1.42
N TYR B 60 3.25 -13.58 -0.76
CA TYR B 60 4.58 -13.47 -0.17
C TYR B 60 5.25 -14.84 -0.12
N VAL B 61 6.39 -14.97 -0.79
CA VAL B 61 7.18 -16.19 -0.80
C VAL B 61 8.54 -15.82 -0.22
N PRO B 62 8.92 -16.46 0.91
CA PRO B 62 10.19 -16.19 1.60
C PRO B 62 11.38 -16.35 0.67
N PRO B 63 12.38 -15.46 0.77
CA PRO B 63 13.63 -15.55 0.03
C PRO B 63 14.27 -16.94 0.06
N GLU B 64 14.16 -17.65 1.18
CA GLU B 64 14.82 -18.93 1.27
C GLU B 64 14.11 -20.05 0.53
N GLU B 65 12.89 -19.79 0.06
CA GLU B 65 12.14 -20.77 -0.69
C GLU B 65 12.13 -20.52 -2.20
N THR B 66 12.83 -19.47 -2.63
CA THR B 66 12.93 -19.17 -4.06
C THR B 66 14.28 -19.62 -4.61
N PRO B 67 14.37 -19.85 -5.94
CA PRO B 67 15.58 -20.32 -6.60
C PRO B 67 16.77 -19.41 -6.45
N ASP B 68 16.51 -18.11 -6.33
CA ASP B 68 17.58 -17.11 -6.34
C ASP B 68 17.80 -16.41 -4.99
N GLY B 69 16.99 -16.78 -4.00
CA GLY B 69 17.18 -16.23 -2.67
C GLY B 69 16.65 -14.81 -2.49
N ARG B 70 15.68 -14.43 -3.31
CA ARG B 70 15.10 -13.08 -3.27
C ARG B 70 13.60 -13.19 -2.98
N PRO B 71 13.00 -12.12 -2.42
CA PRO B 71 11.55 -12.10 -2.16
C PRO B 71 10.74 -12.44 -3.41
N GLY B 72 9.64 -13.16 -3.24
CA GLY B 72 8.83 -13.59 -4.37
C GLY B 72 7.32 -13.51 -4.15
N VAL B 73 6.59 -13.73 -5.24
CA VAL B 73 5.13 -13.68 -5.26
C VAL B 73 4.75 -14.70 -6.31
N THR B 74 3.71 -15.50 -6.09
CA THR B 74 3.26 -16.40 -7.17
C THR B 74 1.93 -15.99 -7.75
N ILE B 75 1.88 -15.98 -9.07
CA ILE B 75 0.66 -15.65 -9.78
C ILE B 75 0.21 -16.83 -10.62
N MET B 76 -1.04 -16.78 -11.04
CA MET B 76 -1.62 -17.78 -11.91
C MET B 76 -2.31 -17.10 -13.08
N ILE B 77 -2.12 -17.70 -14.26
CA ILE B 77 -2.70 -17.19 -15.50
C ILE B 77 -3.51 -18.32 -16.12
N GLY B 78 -4.75 -18.02 -16.52
CA GLY B 78 -5.58 -19.01 -17.16
C GLY B 78 -6.29 -18.57 -18.43
N HIS B 79 -6.67 -19.56 -19.24
CA HIS B 79 -7.49 -19.36 -20.43
C HIS B 79 -8.14 -20.70 -20.75
N ASN B 80 -9.29 -20.67 -21.43
CA ASN B 80 -9.93 -21.92 -21.83
C ASN B 80 -9.18 -22.59 -22.99
N ASP B 81 -8.42 -21.78 -23.72
CA ASP B 81 -7.70 -22.24 -24.89
C ASP B 81 -6.19 -22.27 -24.63
N GLU B 82 -5.60 -23.45 -24.77
CA GLU B 82 -4.19 -23.68 -24.55
C GLU B 82 -3.27 -22.76 -25.35
N ASP B 83 -3.63 -22.51 -26.61
CA ASP B 83 -2.81 -21.68 -27.47
C ASP B 83 -2.83 -20.24 -27.01
N GLU B 84 -4.01 -19.75 -26.64
CA GLU B 84 -4.16 -18.40 -26.12
C GLU B 84 -3.36 -18.24 -24.84
N LEU B 85 -3.42 -19.25 -23.96
CA LEU B 85 -2.66 -19.23 -22.72
C LEU B 85 -1.15 -19.09 -22.94
N LYS B 86 -0.63 -19.84 -23.91
CA LYS B 86 0.80 -19.79 -24.20
C LYS B 86 1.21 -18.41 -24.73
N GLU B 87 0.29 -17.77 -25.44
CA GLU B 87 0.53 -16.44 -26.01
C GLU B 87 0.49 -15.36 -24.93
N GLN B 88 -0.45 -15.54 -23.99
CA GLN B 88 -0.54 -14.67 -22.82
C GLN B 88 0.66 -14.81 -21.87
N LEU B 89 1.19 -16.02 -21.71
CA LEU B 89 2.41 -16.21 -20.90
C LEU B 89 3.60 -15.48 -21.51
N LEU B 90 3.77 -15.64 -22.81
CA LEU B 90 4.81 -14.93 -23.56
C LEU B 90 4.68 -13.39 -23.46
N ASP B 91 3.50 -12.87 -23.75
CA ASP B 91 3.26 -11.43 -23.73
C ASP B 91 3.35 -10.80 -22.35
N ARG B 92 2.71 -11.44 -21.37
CA ARG B 92 2.68 -10.91 -20.02
C ARG B 92 4.04 -10.96 -19.33
N ILE B 93 4.78 -12.05 -19.51
CA ILE B 93 6.16 -12.11 -19.02
C ILE B 93 7.11 -11.18 -19.80
N GLY B 94 7.01 -11.21 -21.13
CA GLY B 94 7.87 -10.37 -21.95
C GLY B 94 7.67 -8.88 -21.79
N GLN B 95 6.43 -8.43 -21.67
CA GLN B 95 6.14 -6.99 -21.62
C GLN B 95 5.98 -6.42 -20.22
N CYS B 96 5.73 -7.28 -19.24
CA CYS B 96 5.34 -6.83 -17.92
C CYS B 96 6.33 -7.27 -16.83
N VAL B 97 7.09 -8.32 -17.11
CA VAL B 97 8.03 -8.85 -16.13
C VAL B 97 9.50 -8.63 -16.55
N MET B 98 9.85 -8.97 -17.79
CA MET B 98 11.19 -8.69 -18.28
C MET B 98 11.50 -7.19 -18.20
N THR B 99 10.47 -6.37 -18.40
CA THR B 99 10.64 -4.92 -18.42
C THR B 99 10.65 -4.30 -17.02
N ALA B 100 10.26 -5.10 -16.03
CA ALA B 100 10.07 -4.60 -14.66
C ALA B 100 11.39 -4.63 -13.91
N PRO B 101 11.71 -3.54 -13.20
CA PRO B 101 13.03 -3.46 -12.53
C PRO B 101 13.28 -4.65 -11.57
N THR B 102 14.38 -5.36 -11.85
CA THR B 102 14.96 -6.44 -11.05
C THR B 102 14.21 -7.79 -11.10
N ALA B 103 13.09 -7.84 -11.81
CA ALA B 103 12.22 -9.00 -11.76
C ALA B 103 12.73 -10.18 -12.61
N SER B 104 12.71 -11.37 -12.01
CA SER B 104 12.91 -12.64 -12.72
C SER B 104 11.61 -13.45 -12.69
N ALA B 105 11.50 -14.44 -13.58
CA ALA B 105 10.34 -15.32 -13.56
C ALA B 105 10.73 -16.79 -13.58
N PHE B 106 10.13 -17.58 -12.70
CA PHE B 106 10.40 -19.02 -12.60
C PHE B 106 9.08 -19.77 -12.64
N ASP B 107 9.14 -21.03 -13.05
CA ASP B 107 7.98 -21.92 -13.02
C ASP B 107 7.62 -22.27 -11.57
N ALA B 108 6.33 -22.30 -11.30
CA ALA B 108 5.85 -22.71 -9.98
C ALA B 108 4.67 -23.68 -10.12
N MET B 109 4.61 -24.40 -11.23
CA MET B 109 3.58 -25.42 -11.40
C MET B 109 4.04 -26.65 -10.65
N PRO B 110 3.21 -27.14 -9.72
CA PRO B 110 3.56 -28.35 -8.97
C PRO B 110 3.73 -29.52 -9.92
N GLU B 111 4.79 -30.28 -9.67
CA GLU B 111 5.10 -31.49 -10.43
C GLU B 111 3.87 -32.35 -10.69
N ALA B 112 3.12 -32.62 -9.63
CA ALA B 112 1.94 -33.47 -9.73
C ALA B 112 0.81 -32.89 -10.56
N GLU B 113 0.84 -31.58 -10.78
CA GLU B 113 -0.21 -30.91 -11.55
C GLU B 113 0.17 -30.76 -13.02
N LYS B 114 1.46 -30.91 -13.29
CA LYS B 114 2.00 -30.61 -14.61
C LYS B 114 1.55 -31.62 -15.67
N GLU B 115 0.83 -31.14 -16.68
CA GLU B 115 0.41 -31.96 -17.80
C GLU B 115 1.27 -31.68 -19.03
N ASP B 116 1.34 -30.40 -19.40
CA ASP B 116 2.10 -29.98 -20.56
C ASP B 116 3.09 -28.92 -20.13
N GLU B 117 3.91 -28.43 -21.05
CA GLU B 117 4.72 -27.26 -20.78
C GLU B 117 5.11 -26.52 -22.05
N ASP B 118 5.41 -25.24 -21.89
CA ASP B 118 5.78 -24.39 -23.00
C ASP B 118 7.08 -23.70 -22.64
N ARG B 119 8.04 -23.72 -23.57
CA ARG B 119 9.36 -23.15 -23.31
C ARG B 119 9.34 -21.65 -23.50
N VAL B 120 8.65 -20.96 -22.60
CA VAL B 120 8.47 -19.52 -22.67
C VAL B 120 9.78 -18.76 -22.54
N GLY B 121 10.64 -19.22 -21.62
CA GLY B 121 11.92 -18.56 -21.40
C GLY B 121 12.83 -18.70 -22.60
N TYR B 122 12.79 -19.88 -23.23
CA TYR B 122 13.50 -20.15 -24.46
C TYR B 122 13.10 -19.19 -25.58
N LYS B 123 11.79 -18.97 -25.73
CA LYS B 123 11.28 -18.05 -26.71
C LYS B 123 11.74 -16.62 -26.45
N LEU B 124 11.67 -16.18 -25.19
CA LEU B 124 12.10 -14.85 -24.82
C LEU B 124 13.61 -14.69 -24.94
N SER B 125 14.34 -15.80 -24.80
CA SER B 125 15.79 -15.74 -24.78
C SER B 125 16.39 -15.11 -26.03
N PHE B 126 15.64 -15.17 -27.13
CA PHE B 126 16.10 -14.61 -28.41
C PHE B 126 16.18 -13.08 -28.45
N PHE B 127 15.47 -12.45 -27.51
CA PHE B 127 15.64 -11.02 -27.21
C PHE B 127 17.11 -10.65 -26.94
N GLY B 128 17.90 -11.62 -26.48
CA GLY B 128 19.29 -11.36 -26.18
C GLY B 128 20.14 -11.10 -27.43
N ASP B 129 19.56 -11.37 -28.60
CA ASP B 129 20.22 -11.15 -29.88
C ASP B 129 21.56 -11.88 -29.98
N GLY B 130 21.56 -13.16 -29.60
CA GLY B 130 22.79 -13.93 -29.62
C GLY B 130 23.67 -13.79 -28.40
N TYR B 131 23.36 -12.86 -27.50
CA TYR B 131 24.15 -12.70 -26.28
C TYR B 131 23.55 -13.44 -25.09
N GLN B 132 22.37 -14.01 -25.27
CA GLN B 132 21.74 -14.78 -24.21
C GLN B 132 22.51 -16.06 -23.94
N GLU B 133 22.46 -16.51 -22.69
CA GLU B 133 23.29 -17.60 -22.24
C GLU B 133 22.45 -18.52 -21.36
N GLU B 134 22.52 -19.82 -21.66
CA GLU B 134 21.85 -20.84 -20.87
C GLU B 134 22.62 -21.11 -19.58
N ASP B 135 21.90 -21.44 -18.51
CA ASP B 135 22.50 -21.63 -17.21
C ASP B 135 21.62 -22.52 -16.34
N GLU B 136 22.10 -22.81 -15.14
CA GLU B 136 21.33 -23.61 -14.20
C GLU B 136 21.33 -22.93 -12.85
N LEU B 137 20.15 -22.78 -12.27
CA LEU B 137 20.02 -22.12 -10.98
C LEU B 137 19.14 -23.00 -10.09
N ASP B 138 19.73 -23.50 -9.01
CA ASP B 138 19.05 -24.41 -8.08
C ASP B 138 18.42 -25.58 -8.84
N GLY B 139 19.16 -26.16 -9.78
CA GLY B 139 18.69 -27.31 -10.53
C GLY B 139 17.78 -26.97 -11.70
N ARG B 140 17.48 -25.68 -11.85
CA ARG B 140 16.59 -25.21 -12.91
C ARG B 140 17.36 -24.80 -14.14
N LYS B 141 16.84 -25.15 -15.32
CA LYS B 141 17.38 -24.64 -16.56
C LYS B 141 16.86 -23.22 -16.75
N VAL B 142 17.76 -22.25 -16.80
CA VAL B 142 17.37 -20.85 -16.95
C VAL B 142 18.13 -20.17 -18.08
N TRP B 143 17.60 -19.05 -18.55
CA TRP B 143 18.25 -18.23 -19.56
C TRP B 143 18.62 -16.87 -18.96
N LYS B 144 19.88 -16.47 -19.17
CA LYS B 144 20.36 -15.17 -18.74
C LYS B 144 20.42 -14.24 -19.95
N ILE B 145 19.51 -13.27 -19.98
CA ILE B 145 19.29 -12.38 -21.13
C ILE B 145 19.83 -10.99 -20.78
N PRO B 146 20.91 -10.55 -21.45
CA PRO B 146 21.47 -9.22 -21.16
C PRO B 146 20.45 -8.13 -21.45
N VAL B 147 20.22 -7.28 -20.46
CA VAL B 147 19.35 -6.11 -20.63
C VAL B 147 20.06 -4.88 -20.07
N VAL B 148 19.51 -3.70 -20.34
CA VAL B 148 20.16 -2.45 -19.98
C VAL B 148 20.39 -2.29 -18.45
N GLU B 149 19.54 -2.95 -17.66
CA GLU B 149 19.69 -2.94 -16.20
C GLU B 149 20.80 -3.88 -15.74
N GLY B 150 21.14 -4.87 -16.58
CA GLY B 150 22.05 -5.94 -16.19
C GLY B 150 21.67 -7.25 -16.86
N GLU B 151 20.93 -8.09 -16.13
CA GLU B 151 20.50 -9.37 -16.67
C GLU B 151 19.06 -9.66 -16.31
N PHE B 152 18.33 -10.27 -17.24
CA PHE B 152 17.04 -10.85 -16.94
C PHE B 152 17.17 -12.38 -16.86
N ILE B 153 16.67 -12.95 -15.76
CA ILE B 153 16.68 -14.39 -15.57
C ILE B 153 15.28 -14.93 -15.78
N VAL B 154 15.14 -15.91 -16.66
CA VAL B 154 13.84 -16.58 -16.84
C VAL B 154 14.01 -18.08 -17.04
N GLU B 155 13.15 -18.86 -16.40
CA GLU B 155 13.20 -20.30 -16.55
C GLU B 155 12.86 -20.69 -17.98
N ASP B 156 13.59 -21.67 -18.52
CA ASP B 156 13.41 -22.12 -19.89
C ASP B 156 11.97 -22.50 -20.20
N SER B 157 11.33 -23.30 -19.35
CA SER B 157 9.97 -23.72 -19.59
C SER B 157 9.05 -23.64 -18.37
N PHE B 158 7.74 -23.63 -18.64
CA PHE B 158 6.72 -23.42 -17.63
C PHE B 158 5.66 -24.50 -17.78
N GLY B 159 5.28 -25.10 -16.66
CA GLY B 159 4.30 -26.18 -16.69
C GLY B 159 2.88 -25.72 -16.90
N ILE B 160 2.07 -26.54 -17.54
CA ILE B 160 0.67 -26.22 -17.79
C ILE B 160 -0.19 -27.36 -17.27
N THR B 161 -1.30 -27.02 -16.64
CA THR B 161 -2.24 -28.01 -16.14
C THR B 161 -3.65 -27.64 -16.59
N THR B 162 -4.58 -28.58 -16.44
CA THR B 162 -5.99 -28.29 -16.60
C THR B 162 -6.55 -28.07 -15.20
N GLY B 163 -6.87 -26.81 -14.90
CA GLY B 163 -7.45 -26.48 -13.63
C GLY B 163 -8.93 -26.22 -13.72
N VAL B 164 -9.48 -25.58 -12.68
CA VAL B 164 -10.90 -25.33 -12.57
C VAL B 164 -11.14 -23.82 -12.59
N ALA B 165 -12.03 -23.38 -13.46
CA ALA B 165 -12.37 -21.96 -13.55
C ALA B 165 -13.86 -21.72 -13.25
N GLY B 166 -14.15 -20.66 -12.51
CA GLY B 166 -15.52 -20.24 -12.34
C GLY B 166 -16.24 -20.83 -11.14
N GLY B 167 -15.49 -21.45 -10.23
CA GLY B 167 -16.01 -21.63 -8.88
C GLY B 167 -16.50 -20.29 -8.36
N ASN B 168 -17.56 -20.28 -7.57
CA ASN B 168 -18.20 -19.03 -7.20
C ASN B 168 -19.21 -19.20 -6.07
N PHE B 169 -19.47 -18.09 -5.38
CA PHE B 169 -20.65 -17.96 -4.55
C PHE B 169 -21.14 -16.51 -4.55
N TYR B 170 -22.44 -16.34 -4.33
CA TYR B 170 -23.06 -15.03 -4.21
C TYR B 170 -23.24 -14.66 -2.74
N ILE B 171 -22.90 -13.42 -2.41
CA ILE B 171 -23.21 -12.87 -1.09
C ILE B 171 -24.41 -11.94 -1.22
N MET B 172 -25.52 -12.32 -0.61
CA MET B 172 -26.68 -11.43 -0.53
C MET B 172 -26.75 -10.73 0.82
N ALA B 173 -26.84 -9.40 0.79
CA ALA B 173 -26.73 -8.60 1.99
C ALA B 173 -27.80 -7.52 1.99
N GLU B 174 -27.95 -6.87 3.14
CA GLU B 174 -28.99 -5.89 3.37
C GLU B 174 -28.69 -4.57 2.69
N SER B 175 -27.41 -4.33 2.43
CA SER B 175 -26.97 -3.08 1.80
C SER B 175 -25.70 -3.29 1.00
N GLN B 176 -25.37 -2.32 0.16
CA GLN B 176 -24.11 -2.33 -0.57
C GLN B 176 -22.88 -2.32 0.37
N PRO B 177 -22.84 -1.41 1.37
CA PRO B 177 -21.68 -1.42 2.26
C PRO B 177 -21.51 -2.72 3.06
N ALA B 178 -22.63 -3.28 3.52
CA ALA B 178 -22.62 -4.55 4.22
C ALA B 178 -22.12 -5.66 3.32
N GLY B 179 -22.61 -5.70 2.08
CA GLY B 179 -22.17 -6.69 1.13
C GLY B 179 -20.69 -6.59 0.81
N LEU B 180 -20.18 -5.37 0.70
CA LEU B 180 -18.77 -5.17 0.35
C LEU B 180 -17.82 -5.52 1.50
N GLN B 181 -18.24 -5.26 2.75
CA GLN B 181 -17.46 -5.66 3.91
C GLN B 181 -17.38 -7.19 4.02
N ALA B 182 -18.50 -7.86 3.79
CA ALA B 182 -18.52 -9.32 3.79
C ALA B 182 -17.63 -9.86 2.67
N ALA B 183 -17.69 -9.22 1.51
CA ALA B 183 -16.96 -9.70 0.33
C ALA B 183 -15.45 -9.58 0.49
N GLU B 184 -14.96 -8.48 1.04
CA GLU B 184 -13.52 -8.31 1.19
C GLU B 184 -12.95 -9.29 2.22
N ALA B 185 -13.70 -9.53 3.30
CA ALA B 185 -13.30 -10.54 4.30
C ALA B 185 -13.20 -11.91 3.66
N ALA B 186 -14.15 -12.20 2.77
CA ALA B 186 -14.11 -13.43 2.01
C ALA B 186 -12.81 -13.58 1.19
N VAL B 187 -12.45 -12.52 0.46
CA VAL B 187 -11.24 -12.54 -0.37
C VAL B 187 -9.97 -12.58 0.48
N ASP B 188 -10.02 -11.95 1.65
CA ASP B 188 -8.92 -12.03 2.62
C ASP B 188 -8.64 -13.48 3.05
N ALA B 189 -9.71 -14.27 3.20
CA ALA B 189 -9.56 -15.71 3.47
C ALA B 189 -8.98 -16.46 2.27
N ILE B 190 -9.50 -16.18 1.09
CA ILE B 190 -9.06 -16.87 -0.13
C ILE B 190 -7.56 -16.67 -0.42
N LYS B 191 -7.02 -15.54 0.03
CA LYS B 191 -5.59 -15.26 -0.11
C LYS B 191 -4.76 -16.37 0.49
N GLY B 192 -5.27 -16.96 1.57
CA GLY B 192 -4.54 -17.99 2.29
C GLY B 192 -4.58 -19.37 1.68
N VAL B 193 -5.41 -19.59 0.66
CA VAL B 193 -5.52 -20.89 0.00
C VAL B 193 -4.53 -21.02 -1.16
N GLU B 194 -3.58 -21.94 -1.04
CA GLU B 194 -2.63 -22.15 -2.11
C GLU B 194 -3.29 -22.73 -3.36
N GLY B 195 -2.86 -22.26 -4.53
CA GLY B 195 -3.36 -22.80 -5.79
C GLY B 195 -4.70 -22.27 -6.24
N ALA B 196 -5.22 -21.24 -5.57
CA ALA B 196 -6.47 -20.61 -5.99
C ALA B 196 -6.29 -19.10 -6.13
N TYR B 197 -7.03 -18.49 -7.04
CA TYR B 197 -7.01 -17.04 -7.23
C TYR B 197 -8.36 -16.49 -7.64
N ALA B 198 -8.56 -15.19 -7.42
CA ALA B 198 -9.84 -14.53 -7.65
C ALA B 198 -9.64 -13.35 -8.60
N PRO B 199 -9.93 -13.55 -9.90
CA PRO B 199 -9.39 -12.70 -10.97
C PRO B 199 -10.05 -11.33 -11.15
N PHE B 200 -11.21 -11.13 -10.54
CA PHE B 200 -11.91 -9.86 -10.68
C PHE B 200 -11.29 -8.78 -9.77
N PRO B 201 -11.65 -7.50 -9.99
CA PRO B 201 -11.03 -6.40 -9.24
C PRO B 201 -11.24 -6.51 -7.73
N GLY B 202 -10.15 -6.73 -6.99
CA GLY B 202 -10.26 -6.90 -5.55
C GLY B 202 -10.86 -8.24 -5.20
N GLY B 203 -10.87 -9.15 -6.18
CA GLY B 203 -11.47 -10.47 -6.02
C GLY B 203 -12.97 -10.53 -6.21
N ILE B 204 -13.59 -9.38 -6.49
CA ILE B 204 -15.05 -9.21 -6.35
C ILE B 204 -15.74 -8.74 -7.64
N VAL B 205 -16.88 -9.36 -7.94
CA VAL B 205 -17.64 -9.03 -9.15
C VAL B 205 -18.89 -8.23 -8.78
N ALA B 206 -18.91 -6.96 -9.21
CA ALA B 206 -20.01 -6.05 -8.93
C ALA B 206 -21.12 -6.15 -9.99
N SER B 207 -20.84 -6.83 -11.09
CA SER B 207 -21.77 -6.86 -12.21
C SER B 207 -21.88 -8.26 -12.80
N ALA B 208 -22.39 -9.19 -12.00
CA ALA B 208 -22.56 -10.56 -12.45
C ALA B 208 -23.54 -10.61 -13.61
N SER B 209 -23.30 -11.51 -14.54
CA SER B 209 -24.09 -11.55 -15.75
C SER B 209 -24.76 -12.90 -16.01
N LYS B 210 -25.74 -12.88 -16.91
CA LYS B 210 -26.37 -14.09 -17.43
C LYS B 210 -25.94 -14.34 -18.87
N VAL B 211 -25.99 -15.60 -19.28
CA VAL B 211 -25.78 -15.96 -20.69
C VAL B 211 -26.89 -15.31 -21.53
N GLY B 212 -26.46 -14.48 -22.48
CA GLY B 212 -27.40 -13.94 -23.46
C GLY B 212 -28.11 -12.69 -22.98
N SER B 213 -29.22 -12.37 -23.66
CA SER B 213 -29.97 -11.13 -23.44
C SER B 213 -31.42 -11.33 -23.88
N LYS B 214 -32.36 -10.88 -23.06
CA LYS B 214 -33.79 -10.95 -23.42
C LYS B 214 -34.11 -10.04 -24.59
N GLN B 215 -33.44 -8.89 -24.64
CA GLN B 215 -33.84 -7.78 -25.49
C GLN B 215 -33.04 -7.72 -26.78
N TYR B 216 -31.78 -8.13 -26.70
CA TYR B 216 -30.80 -7.79 -27.72
C TYR B 216 -30.15 -9.04 -28.27
N ASP B 217 -30.50 -9.35 -29.50
CA ASP B 217 -30.00 -10.56 -30.15
C ASP B 217 -28.53 -10.46 -30.53
N PHE B 218 -27.92 -9.33 -30.23
CA PHE B 218 -26.51 -9.14 -30.46
C PHE B 218 -25.66 -9.19 -29.19
N LEU B 219 -26.27 -9.54 -28.05
CA LEU B 219 -25.53 -9.62 -26.80
C LEU B 219 -25.30 -11.06 -26.36
N PRO B 220 -24.03 -11.47 -26.18
CA PRO B 220 -23.67 -12.80 -25.69
C PRO B 220 -23.95 -12.98 -24.20
N ALA B 221 -24.01 -11.86 -23.49
CA ALA B 221 -24.31 -11.86 -22.07
C ALA B 221 -24.81 -10.47 -21.70
N SER B 222 -25.51 -10.39 -20.58
CA SER B 222 -26.07 -9.14 -20.09
C SER B 222 -26.19 -9.24 -18.58
N THR B 223 -26.61 -8.17 -17.92
CA THR B 223 -26.75 -8.17 -16.48
C THR B 223 -27.68 -9.27 -15.99
N ASN B 224 -27.29 -9.95 -14.91
CA ASN B 224 -28.20 -10.92 -14.30
C ASN B 224 -29.30 -10.19 -13.54
N ASP B 225 -30.38 -9.86 -14.25
CA ASP B 225 -31.44 -9.03 -13.71
C ASP B 225 -32.29 -9.72 -12.62
N ALA B 226 -32.20 -11.04 -12.55
CA ALA B 226 -32.82 -11.80 -11.47
C ALA B 226 -32.24 -11.39 -10.13
N TYR B 227 -30.97 -11.01 -10.10
CA TYR B 227 -30.30 -10.62 -8.87
C TYR B 227 -30.03 -9.13 -8.78
N CYS B 228 -30.65 -8.35 -9.67
CA CYS B 228 -30.46 -6.90 -9.67
C CYS B 228 -31.44 -6.22 -8.73
N PRO B 229 -30.93 -5.57 -7.68
CA PRO B 229 -31.83 -5.00 -6.68
C PRO B 229 -32.70 -3.86 -7.20
N THR B 230 -32.22 -3.16 -8.23
CA THR B 230 -32.97 -2.03 -8.74
C THR B 230 -33.96 -2.43 -9.84
N VAL B 231 -33.94 -3.69 -10.23
CA VAL B 231 -34.86 -4.20 -11.24
C VAL B 231 -36.12 -4.72 -10.58
N GLU B 232 -37.24 -4.08 -10.91
CA GLU B 232 -38.54 -4.40 -10.36
C GLU B 232 -38.88 -5.90 -10.42
N ASP B 233 -38.42 -6.57 -11.47
CA ASP B 233 -38.76 -7.98 -11.67
C ASP B 233 -37.66 -8.94 -11.20
N ASN B 234 -36.96 -8.60 -10.13
CA ASN B 234 -35.89 -9.47 -9.61
C ASN B 234 -36.44 -10.57 -8.70
N GLU B 235 -35.58 -11.53 -8.37
CA GLU B 235 -35.94 -12.71 -7.60
C GLU B 235 -35.18 -12.78 -6.28
N LEU B 236 -34.89 -11.62 -5.70
CA LEU B 236 -34.05 -11.53 -4.51
C LEU B 236 -34.90 -11.76 -3.27
N PRO B 237 -34.31 -12.38 -2.23
CA PRO B 237 -34.98 -12.52 -0.93
C PRO B 237 -35.46 -11.20 -0.35
N GLU B 238 -36.40 -11.30 0.59
CA GLU B 238 -36.82 -10.15 1.38
C GLU B 238 -35.60 -9.55 2.09
N GLY B 239 -35.40 -8.26 1.89
CA GLY B 239 -34.38 -7.55 2.63
C GLY B 239 -33.02 -7.47 1.95
N VAL B 240 -32.86 -8.15 0.82
CA VAL B 240 -31.60 -8.08 0.05
C VAL B 240 -31.55 -6.84 -0.85
N LYS B 241 -30.58 -5.97 -0.59
CA LYS B 241 -30.44 -4.73 -1.35
C LYS B 241 -29.17 -4.68 -2.19
N CYS B 242 -28.36 -5.72 -2.10
CA CYS B 242 -27.11 -5.77 -2.84
C CYS B 242 -26.60 -7.19 -2.92
N VAL B 243 -26.15 -7.59 -4.09
CA VAL B 243 -25.51 -8.88 -4.28
C VAL B 243 -24.10 -8.69 -4.84
N TYR B 244 -23.16 -9.48 -4.34
CA TYR B 244 -21.80 -9.55 -4.89
C TYR B 244 -21.52 -10.98 -5.24
N GLU B 245 -20.70 -11.19 -6.26
CA GLU B 245 -20.23 -12.52 -6.56
C GLU B 245 -18.71 -12.62 -6.41
N ILE B 246 -18.25 -13.74 -5.86
CA ILE B 246 -16.82 -14.05 -5.85
C ILE B 246 -16.55 -15.21 -6.80
N VAL B 247 -15.68 -14.98 -7.79
CA VAL B 247 -15.28 -16.04 -8.72
C VAL B 247 -13.88 -16.55 -8.35
N ILE B 248 -13.70 -17.87 -8.36
CA ILE B 248 -12.46 -18.50 -7.91
C ILE B 248 -11.97 -19.50 -8.95
N ASN B 249 -10.75 -19.31 -9.43
CA ASN B 249 -10.11 -20.27 -10.33
C ASN B 249 -9.02 -20.97 -9.51
N GLY B 250 -8.62 -22.17 -9.91
CA GLY B 250 -7.66 -22.94 -9.14
C GLY B 250 -6.95 -24.02 -9.91
N LEU B 251 -5.86 -24.55 -9.36
CA LEU B 251 -5.09 -25.62 -9.99
C LEU B 251 -5.90 -26.90 -10.16
N ASN B 252 -6.82 -27.11 -9.24
CA ASN B 252 -7.62 -28.32 -9.21
C ASN B 252 -8.90 -28.08 -8.41
N GLU B 253 -9.81 -29.04 -8.44
CA GLU B 253 -11.12 -28.91 -7.81
C GLU B 253 -11.05 -28.69 -6.30
N GLU B 254 -10.16 -29.41 -5.63
CA GLU B 254 -10.00 -29.29 -4.19
C GLU B 254 -9.60 -27.88 -3.76
N ALA B 255 -8.64 -27.28 -4.47
CA ALA B 255 -8.16 -25.93 -4.19
C ALA B 255 -9.30 -24.92 -4.34
N VAL B 256 -10.20 -25.18 -5.29
CA VAL B 256 -11.35 -24.31 -5.51
C VAL B 256 -12.40 -24.54 -4.44
N LYS B 257 -12.54 -25.79 -4.01
CA LYS B 257 -13.51 -26.12 -2.97
C LYS B 257 -13.12 -25.49 -1.64
N GLU B 258 -11.82 -25.50 -1.36
CA GLU B 258 -11.30 -24.95 -0.12
C GLU B 258 -11.44 -23.43 -0.09
N ALA B 259 -11.19 -22.78 -1.24
CA ALA B 259 -11.34 -21.33 -1.34
C ALA B 259 -12.79 -20.91 -1.13
N MET B 260 -13.73 -21.67 -1.70
CA MET B 260 -15.13 -21.42 -1.49
C MET B 260 -15.52 -21.64 -0.03
N ARG B 261 -14.97 -22.68 0.59
CA ARG B 261 -15.27 -22.99 1.98
C ARG B 261 -14.85 -21.87 2.93
N VAL B 262 -13.57 -21.48 2.87
CA VAL B 262 -13.07 -20.43 3.77
C VAL B 262 -13.62 -19.04 3.42
N GLY B 263 -13.87 -18.78 2.14
CA GLY B 263 -14.49 -17.51 1.78
C GLY B 263 -15.90 -17.35 2.33
N ILE B 264 -16.70 -18.42 2.28
CA ILE B 264 -18.06 -18.36 2.75
C ILE B 264 -18.11 -18.21 4.27
N GLU B 265 -17.24 -18.93 4.96
CA GLU B 265 -17.15 -18.82 6.41
C GLU B 265 -16.74 -17.43 6.88
N ALA B 266 -15.82 -16.80 6.15
CA ALA B 266 -15.35 -15.46 6.48
C ALA B 266 -16.44 -14.44 6.24
N ALA B 267 -17.13 -14.59 5.11
CA ALA B 267 -18.23 -13.69 4.75
C ALA B 267 -19.34 -13.73 5.79
N CYS B 268 -19.55 -14.92 6.34
CA CYS B 268 -20.66 -15.14 7.25
C CYS B 268 -20.40 -14.58 8.64
N GLN B 269 -19.16 -14.16 8.91
CA GLN B 269 -18.84 -13.51 10.18
C GLN B 269 -19.21 -12.05 10.18
N GLN B 270 -19.47 -11.50 9.01
CA GLN B 270 -19.68 -10.07 8.88
C GLN B 270 -21.16 -9.72 8.95
N PRO B 271 -21.48 -8.53 9.48
CA PRO B 271 -22.86 -8.10 9.70
C PRO B 271 -23.63 -7.78 8.41
N GLY B 272 -24.91 -8.12 8.42
CA GLY B 272 -25.81 -7.70 7.36
C GLY B 272 -25.87 -8.67 6.19
N VAL B 273 -25.24 -9.83 6.31
CA VAL B 273 -25.36 -10.87 5.29
C VAL B 273 -26.63 -11.71 5.49
N VAL B 274 -27.46 -11.75 4.45
CA VAL B 274 -28.75 -12.43 4.51
C VAL B 274 -28.65 -13.88 4.04
N LYS B 275 -27.95 -14.10 2.94
CA LYS B 275 -27.97 -15.39 2.26
C LYS B 275 -26.73 -15.60 1.41
N ILE B 276 -26.24 -16.83 1.39
CA ILE B 276 -25.19 -17.24 0.46
C ILE B 276 -25.80 -18.15 -0.62
N SER B 277 -25.62 -17.77 -1.88
CA SER B 277 -26.04 -18.62 -2.99
C SER B 277 -24.84 -18.91 -3.88
N ALA B 278 -25.10 -19.46 -5.06
CA ALA B 278 -24.07 -19.70 -6.07
C ALA B 278 -24.72 -19.74 -7.45
N GLY B 279 -23.90 -19.57 -8.47
CA GLY B 279 -24.41 -19.51 -9.82
C GLY B 279 -24.08 -20.77 -10.61
N ASN B 280 -25.06 -21.26 -11.36
CA ASN B 280 -24.87 -22.40 -12.24
C ASN B 280 -25.62 -22.23 -13.56
N PHE B 281 -25.41 -23.18 -14.45
CA PHE B 281 -26.10 -23.21 -15.75
C PHE B 281 -26.97 -24.46 -15.88
N GLY B 282 -27.56 -24.88 -14.77
CA GLY B 282 -28.49 -25.98 -14.79
C GLY B 282 -27.83 -27.30 -15.12
N GLY B 283 -26.53 -27.37 -14.87
CA GLY B 283 -25.78 -28.59 -15.14
C GLY B 283 -25.45 -28.80 -16.61
N LYS B 284 -25.73 -27.78 -17.42
CA LYS B 284 -25.62 -27.89 -18.87
C LYS B 284 -24.19 -27.74 -19.40
N LEU B 285 -23.53 -26.67 -19.00
CA LEU B 285 -22.35 -26.18 -19.68
C LEU B 285 -21.01 -26.73 -19.17
N GLY B 286 -20.86 -26.85 -17.86
CA GLY B 286 -19.54 -27.00 -17.28
C GLY B 286 -19.20 -28.38 -16.77
N GLN B 287 -17.92 -28.60 -16.45
CA GLN B 287 -17.42 -29.92 -16.08
C GLN B 287 -17.54 -30.21 -14.59
N TYR B 288 -17.83 -29.18 -13.80
CA TYR B 288 -17.85 -29.30 -12.35
C TYR B 288 -19.10 -28.71 -11.74
N GLU B 289 -19.72 -29.45 -10.82
CA GLU B 289 -20.75 -28.92 -9.97
C GLU B 289 -20.27 -28.99 -8.53
N ILE B 290 -20.32 -27.86 -7.83
CA ILE B 290 -19.77 -27.81 -6.49
C ILE B 290 -20.84 -27.35 -5.52
N HIS B 291 -21.47 -28.32 -4.88
CA HIS B 291 -22.59 -28.08 -3.98
C HIS B 291 -22.14 -27.45 -2.67
N LEU B 292 -22.77 -26.35 -2.32
CA LEU B 292 -22.37 -25.56 -1.15
C LEU B 292 -22.46 -26.35 0.15
N HIS B 293 -23.48 -27.22 0.24
CA HIS B 293 -23.70 -27.99 1.45
C HIS B 293 -22.62 -29.03 1.67
N ASP B 294 -21.94 -29.41 0.60
CA ASP B 294 -20.85 -30.38 0.69
C ASP B 294 -19.55 -29.82 1.23
N LEU B 295 -19.35 -28.51 1.08
CA LEU B 295 -18.14 -27.85 1.58
C LEU B 295 -18.02 -27.97 3.10
N PHE B 296 -19.17 -28.01 3.77
CA PHE B 296 -19.21 -27.98 5.21
C PHE B 296 -19.67 -29.34 5.73
N MET C 1 34.84 -16.92 6.17
CA MET C 1 33.52 -17.28 5.59
C MET C 1 33.00 -16.23 4.61
N GLU C 2 32.41 -16.70 3.53
CA GLU C 2 31.76 -15.84 2.53
C GLU C 2 30.39 -16.43 2.21
N ILE C 3 29.39 -15.56 2.05
CA ILE C 3 28.12 -15.97 1.47
C ILE C 3 27.91 -15.17 0.20
N ASN C 4 27.92 -15.87 -0.93
CA ASN C 4 27.80 -15.23 -2.23
C ASN C 4 28.92 -14.19 -2.39
N GLY C 5 30.09 -14.51 -1.85
CA GLY C 5 31.24 -13.64 -2.03
C GLY C 5 31.31 -12.48 -1.05
N VAL C 6 30.31 -12.37 -0.18
CA VAL C 6 30.31 -11.35 0.87
C VAL C 6 31.00 -11.90 2.12
N GLU C 7 32.01 -11.19 2.63
CA GLU C 7 32.69 -11.63 3.85
C GLU C 7 31.81 -11.48 5.07
N ILE C 8 31.65 -12.58 5.81
CA ILE C 8 30.95 -12.56 7.09
C ILE C 8 32.02 -12.50 8.16
N GLU C 9 32.08 -11.38 8.88
CA GLU C 9 33.07 -11.21 9.95
C GLU C 9 32.89 -12.24 11.07
N ASP C 10 34.01 -12.70 11.62
CA ASP C 10 33.95 -13.64 12.73
C ASP C 10 33.77 -12.89 14.04
N THR C 11 32.52 -12.60 14.35
CA THR C 11 32.18 -11.88 15.56
C THR C 11 30.77 -12.30 15.96
N PHE C 12 30.21 -11.62 16.95
CA PHE C 12 28.92 -12.00 17.48
C PHE C 12 28.11 -10.76 17.80
N ALA C 13 26.80 -10.87 17.70
CA ALA C 13 25.91 -9.85 18.23
C ALA C 13 25.70 -10.14 19.71
N GLU C 14 25.78 -9.11 20.56
CA GLU C 14 25.42 -9.23 21.96
C GLU C 14 24.00 -8.71 22.21
N ALA C 15 23.12 -9.60 22.67
CA ALA C 15 21.73 -9.25 22.91
C ALA C 15 21.37 -9.30 24.40
N PHE C 16 20.17 -8.86 24.72
CA PHE C 16 19.76 -8.66 26.10
C PHE C 16 18.39 -9.24 26.35
N GLU C 17 18.06 -9.45 27.62
CA GLU C 17 16.70 -9.79 28.02
C GLU C 17 15.84 -8.53 28.04
N ALA C 18 14.59 -8.69 27.61
CA ALA C 18 13.60 -7.63 27.63
C ALA C 18 12.26 -8.30 27.81
N LYS C 19 11.34 -7.65 28.51
CA LYS C 19 9.99 -8.17 28.66
C LYS C 19 9.22 -7.95 27.36
N MET C 20 8.44 -8.95 26.96
CA MET C 20 7.66 -8.84 25.74
C MET C 20 6.25 -9.36 25.83
N ALA C 21 5.36 -8.68 25.10
CA ALA C 21 4.00 -9.15 24.89
C ALA C 21 3.77 -9.41 23.40
N ARG C 22 2.76 -10.22 23.08
CA ARG C 22 2.41 -10.55 21.71
C ARG C 22 0.88 -10.54 21.52
N VAL C 23 0.40 -9.63 20.67
CA VAL C 23 -1.02 -9.37 20.55
C VAL C 23 -1.53 -9.68 19.13
N LEU C 24 -2.63 -10.41 19.05
CA LEU C 24 -3.34 -10.58 17.78
C LEU C 24 -4.40 -9.49 17.64
N ILE C 25 -4.31 -8.72 16.56
CA ILE C 25 -5.35 -7.75 16.23
C ILE C 25 -6.18 -8.25 15.04
N THR C 26 -7.49 -8.36 15.22
CA THR C 26 -8.38 -8.72 14.12
C THR C 26 -9.26 -7.52 13.78
N ALA C 27 -9.83 -7.55 12.58
CA ALA C 27 -10.68 -6.45 12.11
C ALA C 27 -11.55 -6.98 10.97
N ALA C 28 -12.43 -6.14 10.44
CA ALA C 28 -13.37 -6.54 9.39
C ALA C 28 -12.65 -6.97 8.13
N SER C 29 -11.46 -6.40 7.90
CA SER C 29 -10.61 -6.75 6.77
C SER C 29 -9.15 -6.67 7.19
N HIS C 30 -8.28 -7.20 6.36
CA HIS C 30 -6.85 -7.05 6.55
C HIS C 30 -6.41 -5.59 6.51
N LYS C 31 -7.02 -4.82 5.62
CA LYS C 31 -6.76 -3.39 5.54
C LYS C 31 -6.99 -2.69 6.87
N TRP C 32 -8.11 -2.98 7.52
CA TRP C 32 -8.44 -2.31 8.76
C TRP C 32 -7.60 -2.84 9.93
N ALA C 33 -7.23 -4.12 9.89
CA ALA C 33 -6.29 -4.67 10.88
C ALA C 33 -4.95 -3.96 10.82
N MET C 34 -4.48 -3.65 9.61
CA MET C 34 -3.19 -2.98 9.41
C MET C 34 -3.23 -1.51 9.84
N ILE C 35 -4.39 -0.87 9.64
CA ILE C 35 -4.62 0.49 10.13
C ILE C 35 -4.38 0.59 11.64
N ALA C 36 -4.97 -0.35 12.39
CA ALA C 36 -4.84 -0.39 13.85
C ALA C 36 -3.43 -0.76 14.26
N VAL C 37 -2.84 -1.70 13.53
CA VAL C 37 -1.49 -2.19 13.77
C VAL C 37 -0.43 -1.11 13.57
N LYS C 38 -0.59 -0.29 12.54
CA LYS C 38 0.39 0.77 12.26
C LYS C 38 0.35 1.88 13.30
N GLU C 39 -0.83 2.18 13.82
CA GLU C 39 -0.95 3.16 14.90
C GLU C 39 -0.36 2.60 16.19
N ALA C 40 -0.70 1.36 16.50
CA ALA C 40 -0.31 0.73 17.77
C ALA C 40 1.19 0.47 17.88
N THR C 41 1.89 0.38 16.75
CA THR C 41 3.31 0.02 16.75
C THR C 41 4.23 1.18 16.41
N GLY C 42 3.66 2.35 16.09
CA GLY C 42 4.47 3.52 15.79
C GLY C 42 5.08 4.15 17.03
N PHE C 43 5.90 5.18 16.83
CA PHE C 43 6.70 5.78 17.90
C PHE C 43 7.27 4.65 18.79
N GLY C 44 8.05 3.76 18.18
CA GLY C 44 8.37 2.51 18.86
C GLY C 44 9.60 1.81 18.34
N THR C 45 10.63 2.60 18.04
CA THR C 45 11.89 2.07 17.50
C THR C 45 12.86 1.59 18.58
N SER C 46 12.96 2.37 19.67
CA SER C 46 14.00 2.19 20.68
C SER C 46 13.51 2.70 22.03
N VAL C 47 13.75 1.95 23.10
CA VAL C 47 13.35 2.41 24.45
C VAL C 47 14.16 3.60 24.91
N ILE C 48 15.23 3.93 24.18
CA ILE C 48 16.04 5.10 24.51
C ILE C 48 15.26 6.41 24.53
N MET C 49 14.55 6.73 23.45
CA MET C 49 13.73 7.95 23.41
C MET C 49 12.27 7.70 23.06
N CYS C 50 11.92 6.45 22.78
CA CYS C 50 10.53 6.08 22.51
C CYS C 50 9.95 5.35 23.74
N PRO C 51 8.61 5.29 23.85
CA PRO C 51 7.94 4.63 24.98
C PRO C 51 8.06 3.09 24.99
N ALA C 52 8.41 2.52 23.85
CA ALA C 52 8.47 1.07 23.71
C ALA C 52 9.22 0.67 22.43
N GLU C 53 9.55 -0.62 22.31
CA GLU C 53 10.02 -1.17 21.05
C GLU C 53 8.97 -2.14 20.49
N ALA C 54 8.34 -1.75 19.39
CA ALA C 54 7.17 -2.46 18.88
C ALA C 54 7.29 -2.73 17.39
N GLY C 55 6.65 -3.79 16.92
CA GLY C 55 6.63 -4.07 15.50
C GLY C 55 5.69 -5.19 15.12
N ILE C 56 5.57 -5.43 13.83
CA ILE C 56 4.72 -6.49 13.32
C ILE C 56 5.51 -7.78 13.32
N ASP C 57 4.88 -8.86 13.75
CA ASP C 57 5.52 -10.16 13.70
C ASP C 57 5.01 -10.88 12.46
N CYS C 58 3.71 -11.17 12.45
CA CYS C 58 3.12 -11.90 11.36
C CYS C 58 2.10 -11.01 10.64
N GLY C 59 2.42 -10.68 9.39
CA GLY C 59 1.66 -9.68 8.67
C GLY C 59 0.28 -10.14 8.26
N TYR C 60 0.07 -11.45 8.17
CA TYR C 60 -1.23 -12.00 7.79
C TYR C 60 -1.57 -13.28 8.54
N VAL C 61 -2.68 -13.24 9.26
CA VAL C 61 -3.20 -14.40 9.98
C VAL C 61 -4.56 -14.73 9.37
N PRO C 62 -4.71 -15.93 8.80
CA PRO C 62 -5.95 -16.26 8.10
C PRO C 62 -7.14 -16.25 9.04
N PRO C 63 -8.32 -15.83 8.53
CA PRO C 63 -9.56 -15.79 9.32
C PRO C 63 -9.85 -17.09 10.07
N GLU C 64 -9.53 -18.23 9.44
CA GLU C 64 -9.84 -19.50 10.05
C GLU C 64 -8.94 -19.82 11.24
N GLU C 65 -7.94 -18.99 11.49
CA GLU C 65 -7.03 -19.21 12.61
C GLU C 65 -7.17 -18.20 13.74
N THR C 66 -8.14 -17.30 13.61
CA THR C 66 -8.37 -16.29 14.65
C THR C 66 -9.61 -16.68 15.48
N PRO C 67 -9.70 -16.19 16.72
CA PRO C 67 -10.81 -16.67 17.57
C PRO C 67 -12.18 -16.16 17.12
N ASP C 68 -12.21 -15.16 16.24
CA ASP C 68 -13.48 -14.61 15.81
C ASP C 68 -13.75 -14.85 14.32
N GLY C 69 -12.87 -15.59 13.68
CA GLY C 69 -13.02 -15.86 12.25
C GLY C 69 -12.86 -14.65 11.33
N ARG C 70 -12.12 -13.64 11.78
CA ARG C 70 -11.87 -12.45 10.98
C ARG C 70 -10.39 -12.34 10.66
N PRO C 71 -10.03 -11.56 9.63
CA PRO C 71 -8.61 -11.37 9.30
C PRO C 71 -7.80 -10.71 10.44
N GLY C 72 -6.56 -11.17 10.64
CA GLY C 72 -5.73 -10.63 11.69
C GLY C 72 -4.26 -10.42 11.37
N VAL C 73 -3.56 -9.83 12.33
CA VAL C 73 -2.13 -9.50 12.24
C VAL C 73 -1.60 -9.64 13.67
N THR C 74 -0.41 -10.19 13.85
CA THR C 74 0.18 -10.21 15.19
C THR C 74 1.32 -9.20 15.33
N ILE C 75 1.30 -8.49 16.45
CA ILE C 75 2.33 -7.52 16.78
C ILE C 75 3.03 -7.92 18.08
N MET C 76 4.26 -7.44 18.25
CA MET C 76 4.96 -7.58 19.51
C MET C 76 5.36 -6.21 20.07
N ILE C 77 5.23 -6.09 21.39
CA ILE C 77 5.62 -4.89 22.10
C ILE C 77 6.59 -5.29 23.21
N GLY C 78 7.70 -4.56 23.34
CA GLY C 78 8.73 -4.92 24.28
C GLY C 78 9.30 -3.74 25.06
N HIS C 79 9.88 -4.04 26.20
CA HIS C 79 10.52 -3.04 27.06
C HIS C 79 11.38 -3.78 28.06
N ASN C 80 12.47 -3.17 28.52
CA ASN C 80 13.31 -3.83 29.53
C ASN C 80 12.64 -3.85 30.90
N ASP C 81 11.72 -2.90 31.11
CA ASP C 81 11.01 -2.73 32.37
C ASP C 81 9.59 -3.32 32.23
N GLU C 82 9.29 -4.30 33.08
CA GLU C 82 8.02 -5.01 33.04
C GLU C 82 6.83 -4.12 33.34
N ASP C 83 7.02 -3.17 34.25
CA ASP C 83 5.97 -2.21 34.57
C ASP C 83 5.71 -1.22 33.45
N GLU C 84 6.77 -0.82 32.75
CA GLU C 84 6.62 0.06 31.59
C GLU C 84 5.91 -0.66 30.46
N LEU C 85 6.19 -1.96 30.33
CA LEU C 85 5.54 -2.78 29.33
C LEU C 85 4.03 -2.83 29.56
N LYS C 86 3.63 -3.09 30.81
CA LYS C 86 2.22 -3.19 31.14
C LYS C 86 1.46 -1.90 30.87
N GLU C 87 2.13 -0.79 31.13
CA GLU C 87 1.57 0.54 30.92
C GLU C 87 1.42 0.80 29.41
N GLN C 88 2.44 0.39 28.65
CA GLN C 88 2.45 0.51 27.19
C GLN C 88 1.35 -0.34 26.53
N LEU C 89 1.14 -1.55 27.06
CA LEU C 89 0.06 -2.40 26.59
C LEU C 89 -1.28 -1.70 26.76
N LEU C 90 -1.51 -1.15 27.94
CA LEU C 90 -2.75 -0.48 28.26
C LEU C 90 -2.99 0.70 27.32
N ASP C 91 -1.99 1.59 27.26
CA ASP C 91 -2.06 2.80 26.45
C ASP C 91 -2.27 2.52 24.96
N ARG C 92 -1.46 1.60 24.43
CA ARG C 92 -1.47 1.31 23.00
C ARG C 92 -2.72 0.57 22.55
N ILE C 93 -3.19 -0.39 23.34
CA ILE C 93 -4.41 -1.10 23.00
C ILE C 93 -5.62 -0.19 23.23
N GLY C 94 -5.55 0.62 24.29
CA GLY C 94 -6.68 1.44 24.67
C GLY C 94 -6.88 2.64 23.75
N GLN C 95 -5.79 3.24 23.31
CA GLN C 95 -5.88 4.43 22.46
C GLN C 95 -5.63 4.24 20.96
N CYS C 96 -5.09 3.08 20.58
CA CYS C 96 -4.75 2.82 19.18
C CYS C 96 -5.52 1.64 18.59
N VAL C 97 -6.13 0.81 19.42
CA VAL C 97 -6.81 -0.36 18.91
C VAL C 97 -8.30 -0.33 19.26
N MET C 98 -8.62 0.05 20.48
CA MET C 98 -10.02 0.21 20.87
C MET C 98 -10.69 1.30 20.02
N THR C 99 -9.92 2.33 19.69
CA THR C 99 -10.42 3.47 18.93
C THR C 99 -10.48 3.19 17.42
N ALA C 100 -9.73 2.19 16.97
CA ALA C 100 -9.64 1.86 15.54
C ALA C 100 -10.86 1.09 15.03
N PRO C 101 -11.37 1.45 13.83
CA PRO C 101 -12.59 0.83 13.29
C PRO C 101 -12.55 -0.69 13.21
N THR C 102 -13.51 -1.32 13.88
CA THR C 102 -13.73 -2.77 13.89
C THR C 102 -12.67 -3.63 14.57
N ALA C 103 -11.59 -3.02 15.04
CA ALA C 103 -10.47 -3.80 15.57
C ALA C 103 -10.79 -4.45 16.94
N SER C 104 -10.37 -5.69 17.10
CA SER C 104 -10.39 -6.41 18.38
C SER C 104 -8.96 -6.81 18.75
N ALA C 105 -8.74 -7.16 20.02
CA ALA C 105 -7.40 -7.52 20.47
C ALA C 105 -7.44 -8.77 21.32
N PHE C 106 -6.63 -9.76 20.94
CA PHE C 106 -6.49 -11.02 21.64
C PHE C 106 -5.04 -11.32 21.99
N ASP C 107 -4.85 -12.19 22.98
CA ASP C 107 -3.52 -12.60 23.42
C ASP C 107 -2.92 -13.56 22.39
N ALA C 108 -1.66 -13.38 22.04
CA ALA C 108 -0.98 -14.35 21.17
C ALA C 108 0.39 -14.74 21.72
N MET C 109 0.55 -14.66 23.03
CA MET C 109 1.74 -15.21 23.68
C MET C 109 1.64 -16.73 23.71
N PRO C 110 2.59 -17.43 23.08
CA PRO C 110 2.58 -18.89 23.15
C PRO C 110 2.62 -19.39 24.60
N GLU C 111 1.78 -20.37 24.90
CA GLU C 111 1.63 -20.92 26.25
C GLU C 111 2.98 -21.31 26.85
N ALA C 112 3.87 -21.80 26.00
CA ALA C 112 5.19 -22.25 26.43
C ALA C 112 6.16 -21.11 26.73
N GLU C 113 5.82 -19.90 26.30
CA GLU C 113 6.68 -18.74 26.54
C GLU C 113 6.21 -17.97 27.75
N LYS C 114 4.95 -18.14 28.11
CA LYS C 114 4.31 -17.29 29.10
C LYS C 114 4.93 -17.47 30.49
N GLU C 115 5.34 -16.35 31.09
CA GLU C 115 5.95 -16.35 32.40
C GLU C 115 5.04 -15.62 33.38
N ASP C 116 4.36 -14.61 32.86
CA ASP C 116 3.50 -13.77 33.67
C ASP C 116 2.33 -13.32 32.77
N GLU C 117 1.41 -12.55 33.33
CA GLU C 117 0.32 -11.99 32.56
C GLU C 117 -0.23 -10.76 33.26
N ASP C 118 -0.96 -9.95 32.51
CA ASP C 118 -1.55 -8.75 33.06
C ASP C 118 -2.94 -8.65 32.47
N ARG C 119 -3.91 -8.28 33.30
CA ARG C 119 -5.29 -8.23 32.88
C ARG C 119 -5.60 -6.91 32.19
N VAL C 120 -5.02 -6.71 31.01
CA VAL C 120 -5.15 -5.45 30.29
C VAL C 120 -6.58 -5.26 29.81
N GLY C 121 -7.20 -6.35 29.36
CA GLY C 121 -8.58 -6.30 28.94
C GLY C 121 -9.51 -5.97 30.09
N TYR C 122 -9.19 -6.48 31.28
CA TYR C 122 -10.00 -6.22 32.47
C TYR C 122 -9.93 -4.74 32.83
N LYS C 123 -8.71 -4.20 32.80
CA LYS C 123 -8.49 -2.79 33.09
C LYS C 123 -9.19 -1.86 32.10
N LEU C 124 -9.22 -2.26 30.82
CA LEU C 124 -9.90 -1.46 29.79
C LEU C 124 -11.43 -1.51 29.91
N SER C 125 -11.95 -2.63 30.39
CA SER C 125 -13.39 -2.86 30.41
C SER C 125 -14.19 -1.85 31.22
N PHE C 126 -13.50 -1.18 32.15
CA PHE C 126 -14.13 -0.14 32.96
C PHE C 126 -14.59 1.04 32.12
N PHE C 127 -14.01 1.17 30.94
CA PHE C 127 -14.45 2.16 29.95
C PHE C 127 -15.94 2.01 29.63
N GLY C 128 -16.46 0.79 29.78
CA GLY C 128 -17.87 0.54 29.54
C GLY C 128 -18.84 1.26 30.49
N ASP C 129 -18.30 1.80 31.58
CA ASP C 129 -19.07 2.55 32.57
C ASP C 129 -20.25 1.75 33.11
N GLY C 130 -20.00 0.49 33.44
CA GLY C 130 -21.04 -0.35 33.98
C GLY C 130 -21.75 -1.21 32.97
N TYR C 131 -21.58 -0.92 31.67
CA TYR C 131 -22.30 -1.67 30.65
C TYR C 131 -21.47 -2.80 30.04
N GLN C 132 -20.18 -2.83 30.38
CA GLN C 132 -19.27 -3.87 29.90
C GLN C 132 -19.69 -5.24 30.43
N GLU C 133 -19.58 -6.25 29.58
CA GLU C 133 -19.95 -7.60 30.00
C GLU C 133 -18.89 -8.62 29.62
N GLU C 134 -18.73 -9.61 30.49
CA GLU C 134 -17.82 -10.72 30.26
C GLU C 134 -18.42 -11.70 29.26
N ASP C 135 -17.56 -12.38 28.50
CA ASP C 135 -18.02 -13.41 27.60
C ASP C 135 -16.90 -14.40 27.32
N GLU C 136 -17.25 -15.47 26.63
CA GLU C 136 -16.27 -16.46 26.22
C GLU C 136 -16.30 -16.55 24.71
N LEU C 137 -15.12 -16.51 24.11
CA LEU C 137 -14.98 -16.60 22.67
C LEU C 137 -13.83 -17.54 22.35
N ASP C 138 -14.17 -18.67 21.72
CA ASP C 138 -13.20 -19.68 21.35
C ASP C 138 -12.44 -20.13 22.61
N GLY C 139 -13.16 -20.22 23.73
CA GLY C 139 -12.57 -20.63 24.99
C GLY C 139 -11.74 -19.57 25.69
N ARG C 140 -11.79 -18.33 25.20
CA ARG C 140 -11.06 -17.23 25.81
C ARG C 140 -12.03 -16.37 26.61
N LYS C 141 -11.55 -15.86 27.74
CA LYS C 141 -12.30 -14.88 28.52
C LYS C 141 -12.09 -13.51 27.89
N VAL C 142 -13.19 -12.89 27.47
CA VAL C 142 -13.16 -11.62 26.77
C VAL C 142 -14.13 -10.64 27.40
N TRP C 143 -13.87 -9.36 27.20
CA TRP C 143 -14.79 -8.30 27.59
C TRP C 143 -15.40 -7.69 26.34
N LYS C 144 -16.72 -7.54 26.34
CA LYS C 144 -17.41 -6.78 25.31
C LYS C 144 -17.70 -5.41 25.90
N ILE C 145 -16.99 -4.43 25.38
CA ILE C 145 -17.10 -3.06 25.87
C ILE C 145 -17.93 -2.22 24.91
N PRO C 146 -19.14 -1.81 25.32
CA PRO C 146 -19.99 -1.09 24.37
C PRO C 146 -19.35 0.23 23.95
N VAL C 147 -19.30 0.47 22.63
CA VAL C 147 -18.71 1.67 22.08
C VAL C 147 -19.64 2.22 20.99
N VAL C 148 -19.38 3.44 20.55
CA VAL C 148 -20.26 4.11 19.57
C VAL C 148 -20.40 3.32 18.27
N GLU C 149 -19.34 2.61 17.91
CA GLU C 149 -19.39 1.74 16.75
C GLU C 149 -20.28 0.52 16.99
N GLY C 150 -20.39 0.11 18.25
CA GLY C 150 -21.07 -1.14 18.59
C GLY C 150 -20.44 -1.76 19.82
N GLU C 151 -19.49 -2.67 19.61
CA GLU C 151 -18.79 -3.34 20.71
C GLU C 151 -17.32 -3.41 20.39
N PHE C 152 -16.48 -3.24 21.40
CA PHE C 152 -15.06 -3.56 21.28
C PHE C 152 -14.77 -4.83 22.08
N ILE C 153 -14.21 -5.84 21.42
CA ILE C 153 -13.84 -7.09 22.08
C ILE C 153 -12.35 -7.12 22.41
N VAL C 154 -12.03 -7.44 23.66
CA VAL C 154 -10.64 -7.56 24.11
C VAL C 154 -10.52 -8.68 25.12
N GLU C 155 -9.49 -9.50 24.94
CA GLU C 155 -9.23 -10.60 25.84
C GLU C 155 -8.87 -10.09 27.25
N ASP C 156 -9.34 -10.81 28.26
CA ASP C 156 -9.19 -10.36 29.66
C ASP C 156 -7.71 -10.11 30.00
N SER C 157 -6.85 -11.06 29.69
CA SER C 157 -5.44 -10.93 30.05
C SER C 157 -4.50 -11.27 28.90
N PHE C 158 -3.25 -10.82 29.04
CA PHE C 158 -2.21 -11.01 28.04
C PHE C 158 -0.97 -11.58 28.69
N GLY C 159 -0.37 -12.58 28.05
CA GLY C 159 0.84 -13.17 28.58
C GLY C 159 2.08 -12.33 28.36
N ILE C 160 3.02 -12.41 29.30
CA ILE C 160 4.29 -11.70 29.21
C ILE C 160 5.38 -12.75 29.27
N THR C 161 6.48 -12.49 28.57
CA THR C 161 7.64 -13.38 28.59
C THR C 161 8.90 -12.53 28.66
N THR C 162 10.00 -13.19 29.01
CA THR C 162 11.31 -12.59 28.91
C THR C 162 11.88 -13.00 27.56
N GLY C 163 11.91 -12.04 26.64
CA GLY C 163 12.42 -12.29 25.30
C GLY C 163 13.85 -11.83 25.13
N VAL C 164 14.24 -11.63 23.88
CA VAL C 164 15.60 -11.24 23.52
C VAL C 164 15.55 -9.96 22.70
N ALA C 165 16.15 -8.90 23.22
CA ALA C 165 16.22 -7.61 22.54
C ALA C 165 17.65 -7.30 22.04
N GLY C 166 17.74 -6.83 20.79
CA GLY C 166 18.98 -6.25 20.32
C GLY C 166 19.89 -7.20 19.57
N GLY C 167 19.35 -8.31 19.06
CA GLY C 167 20.07 -9.06 18.02
C GLY C 167 20.29 -8.11 16.85
N ASN C 168 21.45 -8.20 16.20
CA ASN C 168 21.79 -7.21 15.18
C ASN C 168 22.81 -7.72 14.17
N PHE C 169 22.85 -7.07 13.01
CA PHE C 169 24.00 -7.19 12.12
C PHE C 169 24.14 -5.93 11.28
N TYR C 170 25.36 -5.65 10.86
CA TYR C 170 25.66 -4.51 10.01
C TYR C 170 25.87 -4.94 8.56
N ILE C 171 25.24 -4.23 7.64
CA ILE C 171 25.48 -4.39 6.20
C ILE C 171 26.41 -3.27 5.73
N MET C 172 27.57 -3.65 5.22
CA MET C 172 28.55 -2.68 4.74
C MET C 172 28.55 -2.74 3.21
N ALA C 173 28.25 -1.62 2.55
CA ALA C 173 28.03 -1.63 1.11
C ALA C 173 28.84 -0.57 0.41
N GLU C 174 29.00 -0.73 -0.91
CA GLU C 174 29.77 0.18 -1.73
C GLU C 174 29.09 1.54 -1.93
N SER C 175 27.80 1.61 -1.62
CA SER C 175 27.06 2.87 -1.73
C SER C 175 25.82 2.81 -0.87
N GLN C 176 25.15 3.95 -0.75
CA GLN C 176 23.91 4.00 0.00
C GLN C 176 22.77 3.24 -0.70
N PRO C 177 22.58 3.43 -2.02
CA PRO C 177 21.49 2.68 -2.68
C PRO C 177 21.71 1.17 -2.62
N ALA C 178 22.97 0.73 -2.74
CA ALA C 178 23.30 -0.70 -2.69
C ALA C 178 23.04 -1.23 -1.27
N GLY C 179 23.49 -0.47 -0.27
CA GLY C 179 23.19 -0.80 1.12
C GLY C 179 21.71 -0.92 1.43
N LEU C 180 20.92 0.04 0.98
CA LEU C 180 19.48 0.04 1.22
C LEU C 180 18.72 -1.08 0.50
N GLN C 181 19.10 -1.39 -0.72
CA GLN C 181 18.48 -2.50 -1.43
C GLN C 181 18.77 -3.82 -0.71
N ALA C 182 20.01 -4.00 -0.25
CA ALA C 182 20.37 -5.17 0.52
C ALA C 182 19.62 -5.23 1.86
N ALA C 183 19.50 -4.07 2.52
CA ALA C 183 18.82 -3.95 3.82
C ALA C 183 17.34 -4.29 3.74
N GLU C 184 16.65 -3.82 2.69
CA GLU C 184 15.23 -4.13 2.56
C GLU C 184 14.98 -5.61 2.27
N ALA C 185 15.83 -6.23 1.46
CA ALA C 185 15.75 -7.65 1.19
C ALA C 185 15.89 -8.46 2.48
N ALA C 186 16.80 -8.04 3.34
CA ALA C 186 16.98 -8.65 4.64
C ALA C 186 15.70 -8.56 5.48
N VAL C 187 15.08 -7.38 5.51
CA VAL C 187 13.86 -7.19 6.29
C VAL C 187 12.69 -7.98 5.70
N ASP C 188 12.67 -8.12 4.37
CA ASP C 188 11.64 -8.93 3.70
C ASP C 188 11.68 -10.39 4.15
N ALA C 189 12.90 -10.91 4.34
CA ALA C 189 13.11 -12.26 4.87
C ALA C 189 12.73 -12.38 6.36
N ILE C 190 13.16 -11.42 7.16
CA ILE C 190 12.81 -11.37 8.58
C ILE C 190 11.29 -11.37 8.82
N LYS C 191 10.53 -10.77 7.89
CA LYS C 191 9.07 -10.79 7.97
C LYS C 191 8.47 -12.19 8.05
N GLY C 192 9.14 -13.16 7.43
CA GLY C 192 8.66 -14.53 7.45
C GLY C 192 9.01 -15.35 8.70
N VAL C 193 9.70 -14.74 9.67
CA VAL C 193 10.15 -15.46 10.88
C VAL C 193 9.19 -15.20 12.04
N GLU C 194 8.56 -16.26 12.52
CA GLU C 194 7.55 -16.16 13.57
C GLU C 194 8.22 -15.81 14.88
N GLY C 195 7.66 -14.84 15.60
CA GLY C 195 8.18 -14.48 16.90
C GLY C 195 9.34 -13.50 16.89
N ALA C 196 9.66 -12.92 15.72
CA ALA C 196 10.72 -11.92 15.62
C ALA C 196 10.21 -10.68 14.90
N TYR C 197 10.70 -9.51 15.33
CA TYR C 197 10.30 -8.25 14.72
C TYR C 197 11.48 -7.29 14.72
N ALA C 198 11.43 -6.34 13.79
CA ALA C 198 12.49 -5.34 13.62
C ALA C 198 11.88 -3.94 13.84
N PRO C 199 12.12 -3.35 15.03
CA PRO C 199 11.33 -2.19 15.46
C PRO C 199 11.67 -0.86 14.77
N PHE C 200 12.80 -0.77 14.08
CA PHE C 200 13.18 0.49 13.47
C PHE C 200 12.40 0.75 12.18
N PRO C 201 12.43 2.00 11.65
CA PRO C 201 11.53 2.33 10.53
C PRO C 201 11.89 1.52 9.27
N GLY C 202 10.92 0.74 8.80
CA GLY C 202 11.19 -0.25 7.77
C GLY C 202 12.13 -1.37 8.18
N GLY C 203 12.34 -1.54 9.48
CA GLY C 203 13.26 -2.56 9.99
C GLY C 203 14.73 -2.14 10.03
N ILE C 204 15.03 -0.91 9.60
CA ILE C 204 16.39 -0.51 9.28
C ILE C 204 16.85 0.70 10.10
N VAL C 205 18.09 0.65 10.60
CA VAL C 205 18.68 1.76 11.33
C VAL C 205 19.67 2.54 10.45
N ALA C 206 19.31 3.77 10.12
CA ALA C 206 20.17 4.64 9.33
C ALA C 206 21.22 5.36 10.17
N SER C 207 20.97 5.44 11.48
CA SER C 207 21.81 6.23 12.38
C SER C 207 22.25 5.42 13.62
N ALA C 208 23.04 4.37 13.38
CA ALA C 208 23.56 3.53 14.46
C ALA C 208 24.42 4.37 15.41
N SER C 209 24.18 4.22 16.70
CA SER C 209 24.88 5.03 17.69
C SER C 209 25.92 4.26 18.47
N LYS C 210 26.70 4.99 19.26
CA LYS C 210 27.58 4.40 20.24
C LYS C 210 27.18 4.91 21.62
N VAL C 211 27.63 4.21 22.66
CA VAL C 211 27.39 4.63 24.04
C VAL C 211 28.18 5.89 24.35
N GLY C 212 27.48 6.90 24.86
CA GLY C 212 28.15 8.14 25.24
C GLY C 212 28.63 8.95 24.06
N SER C 213 29.72 9.71 24.28
CA SER C 213 30.10 10.83 23.40
C SER C 213 31.51 11.31 23.77
N LYS C 214 32.38 11.48 22.78
CA LYS C 214 33.74 11.97 23.01
C LYS C 214 33.78 13.46 23.34
N GLN C 215 32.80 14.21 22.82
CA GLN C 215 32.79 15.66 22.94
C GLN C 215 31.87 16.18 24.03
N TYR C 216 30.78 15.45 24.28
CA TYR C 216 29.69 15.97 25.08
C TYR C 216 29.41 15.06 26.26
N ASP C 217 29.44 15.65 27.44
CA ASP C 217 29.25 14.90 28.67
C ASP C 217 27.76 14.61 28.88
N PHE C 218 26.91 15.31 28.14
CA PHE C 218 25.48 15.26 28.38
C PHE C 218 24.72 14.27 27.51
N LEU C 219 25.40 13.67 26.53
CA LEU C 219 24.78 12.69 25.64
C LEU C 219 24.92 11.26 26.15
N PRO C 220 23.79 10.54 26.28
CA PRO C 220 23.79 9.10 26.57
C PRO C 220 24.30 8.26 25.41
N ALA C 221 24.26 8.82 24.21
CA ALA C 221 24.61 8.11 22.97
C ALA C 221 24.85 9.12 21.85
N SER C 222 25.66 8.74 20.87
CA SER C 222 25.96 9.63 19.76
C SER C 222 26.27 8.79 18.55
N THR C 223 26.55 9.44 17.42
CA THR C 223 26.78 8.72 16.18
C THR C 223 27.99 7.78 16.30
N ASN C 224 27.89 6.59 15.73
CA ASN C 224 29.00 5.67 15.73
C ASN C 224 29.98 6.04 14.62
N ASP C 225 30.87 6.96 14.93
CA ASP C 225 31.73 7.56 13.92
C ASP C 225 32.82 6.64 13.37
N ALA C 226 33.05 5.52 14.04
CA ALA C 226 33.89 4.47 13.49
C ALA C 226 33.33 3.99 12.16
N TYR C 227 31.99 4.01 12.05
CA TYR C 227 31.30 3.47 10.88
C TYR C 227 30.63 4.56 10.04
N CYS C 228 31.00 5.81 10.28
CA CYS C 228 30.44 6.93 9.52
C CYS C 228 31.30 7.23 8.29
N PRO C 229 30.77 6.97 7.09
CA PRO C 229 31.61 7.03 5.88
C PRO C 229 32.11 8.44 5.56
N THR C 230 31.50 9.46 6.18
CA THR C 230 31.90 10.85 5.96
C THR C 230 32.81 11.39 7.05
N VAL C 231 33.13 10.56 8.03
CA VAL C 231 34.04 10.94 9.10
C VAL C 231 35.45 10.50 8.71
N GLU C 232 36.33 11.48 8.51
CA GLU C 232 37.65 11.27 7.91
C GLU C 232 38.42 10.12 8.53
N ASP C 233 38.25 9.91 9.82
CA ASP C 233 38.96 8.85 10.54
C ASP C 233 38.00 7.78 11.04
N ASN C 234 37.28 7.15 10.11
CA ASN C 234 36.46 5.98 10.41
C ASN C 234 37.24 4.67 10.23
N GLU C 235 36.66 3.58 10.71
CA GLU C 235 37.28 2.26 10.61
C GLU C 235 36.62 1.35 9.59
N LEU C 236 36.02 1.93 8.55
CA LEU C 236 35.40 1.14 7.49
C LEU C 236 36.42 0.54 6.51
N PRO C 237 36.18 -0.69 6.05
CA PRO C 237 36.99 -1.33 5.00
C PRO C 237 37.05 -0.49 3.74
N GLU C 238 38.06 -0.75 2.92
CA GLU C 238 38.16 -0.12 1.61
C GLU C 238 36.94 -0.45 0.77
N GLY C 239 36.37 0.57 0.16
CA GLY C 239 35.26 0.37 -0.75
C GLY C 239 33.91 0.59 -0.12
N VAL C 240 33.86 0.55 1.21
CA VAL C 240 32.61 0.69 1.94
C VAL C 240 32.25 2.17 2.12
N LYS C 241 31.12 2.56 1.51
CA LYS C 241 30.68 3.96 1.56
C LYS C 241 29.35 4.15 2.31
N CYS C 242 28.73 3.04 2.73
CA CYS C 242 27.50 3.11 3.50
C CYS C 242 27.42 1.92 4.46
N VAL C 243 26.93 2.18 5.67
CA VAL C 243 26.58 1.11 6.60
C VAL C 243 25.13 1.23 7.06
N TYR C 244 24.42 0.12 7.12
CA TYR C 244 23.10 0.05 7.74
C TYR C 244 23.15 -0.99 8.85
N GLU C 245 22.36 -0.77 9.90
CA GLU C 245 22.18 -1.80 10.91
C GLU C 245 20.74 -2.33 10.93
N ILE C 246 20.59 -3.64 11.04
CA ILE C 246 19.29 -4.25 11.29
C ILE C 246 19.26 -4.71 12.75
N VAL C 247 18.25 -4.26 13.49
CA VAL C 247 18.07 -4.66 14.88
C VAL C 247 16.84 -5.57 14.99
N ILE C 248 17.00 -6.68 15.70
CA ILE C 248 15.95 -7.68 15.81
C ILE C 248 15.69 -8.01 17.29
N ASN C 249 14.42 -8.00 17.65
CA ASN C 249 13.95 -8.49 18.95
C ASN C 249 13.12 -9.75 18.71
N GLY C 250 12.98 -10.60 19.72
CA GLY C 250 12.23 -11.82 19.54
C GLY C 250 11.74 -12.47 20.82
N LEU C 251 10.89 -13.48 20.68
CA LEU C 251 10.27 -14.17 21.82
C LEU C 251 11.31 -14.96 22.59
N ASN C 252 12.33 -15.43 21.87
CA ASN C 252 13.37 -16.28 22.43
C ASN C 252 14.59 -16.21 21.52
N GLU C 253 15.68 -16.84 21.97
CA GLU C 253 16.95 -16.76 21.28
C GLU C 253 16.88 -17.39 19.89
N GLU C 254 16.18 -18.50 19.77
CA GLU C 254 16.12 -19.21 18.50
C GLU C 254 15.41 -18.39 17.42
N ALA C 255 14.37 -17.65 17.81
CA ALA C 255 13.65 -16.77 16.89
C ALA C 255 14.59 -15.70 16.38
N VAL C 256 15.39 -15.12 17.28
CA VAL C 256 16.32 -14.06 16.91
C VAL C 256 17.48 -14.59 16.04
N LYS C 257 17.99 -15.77 16.36
CA LYS C 257 19.00 -16.42 15.53
C LYS C 257 18.49 -16.71 14.11
N GLU C 258 17.28 -17.24 14.01
CA GLU C 258 16.66 -17.55 12.73
C GLU C 258 16.49 -16.29 11.85
N ALA C 259 15.98 -15.22 12.45
CA ALA C 259 15.85 -13.95 11.75
C ALA C 259 17.19 -13.39 11.27
N MET C 260 18.24 -13.54 12.06
CA MET C 260 19.57 -13.11 11.65
C MET C 260 20.13 -13.94 10.52
N ARG C 261 19.88 -15.26 10.56
CA ARG C 261 20.32 -16.14 9.50
C ARG C 261 19.68 -15.77 8.15
N VAL C 262 18.35 -15.66 8.11
CA VAL C 262 17.65 -15.42 6.85
C VAL C 262 17.85 -13.97 6.37
N GLY C 263 18.01 -13.05 7.32
CA GLY C 263 18.30 -11.66 7.00
C GLY C 263 19.64 -11.48 6.34
N ILE C 264 20.67 -12.13 6.89
CA ILE C 264 22.00 -12.06 6.33
C ILE C 264 22.09 -12.74 4.96
N GLU C 265 21.44 -13.89 4.82
CA GLU C 265 21.48 -14.61 3.56
C GLU C 265 20.87 -13.78 2.43
N ALA C 266 19.70 -13.19 2.70
CA ALA C 266 18.99 -12.38 1.71
C ALA C 266 19.79 -11.13 1.33
N ALA C 267 20.36 -10.47 2.31
CA ALA C 267 21.19 -9.29 2.08
C ALA C 267 22.37 -9.66 1.18
N CYS C 268 22.93 -10.85 1.36
CA CYS C 268 24.13 -11.23 0.62
C CYS C 268 23.86 -11.60 -0.82
N GLN C 269 22.59 -11.76 -1.18
CA GLN C 269 22.20 -12.00 -2.57
C GLN C 269 22.17 -10.72 -3.42
N GLN C 270 22.18 -9.56 -2.76
CA GLN C 270 22.00 -8.28 -3.44
C GLN C 270 23.35 -7.68 -3.81
N PRO C 271 23.42 -6.89 -4.90
CA PRO C 271 24.71 -6.41 -5.41
C PRO C 271 25.32 -5.28 -4.58
N GLY C 272 26.65 -5.24 -4.52
CA GLY C 272 27.34 -4.14 -3.90
C GLY C 272 27.54 -4.27 -2.40
N VAL C 273 27.26 -5.45 -1.85
CA VAL C 273 27.50 -5.69 -0.43
C VAL C 273 28.93 -6.20 -0.25
N VAL C 274 29.66 -5.55 0.66
CA VAL C 274 31.08 -5.83 0.88
C VAL C 274 31.30 -6.79 2.06
N LYS C 275 30.62 -6.55 3.16
CA LYS C 275 30.90 -7.25 4.41
C LYS C 275 29.68 -7.22 5.32
N ILE C 276 29.51 -8.28 6.10
CA ILE C 276 28.52 -8.33 7.18
C ILE C 276 29.25 -8.39 8.52
N SER C 277 28.82 -7.58 9.48
CA SER C 277 29.38 -7.60 10.82
C SER C 277 28.26 -7.51 11.87
N ALA C 278 28.65 -7.41 13.14
CA ALA C 278 27.67 -7.30 14.22
C ALA C 278 28.28 -6.55 15.40
N GLY C 279 27.43 -6.11 16.32
CA GLY C 279 27.90 -5.27 17.40
C GLY C 279 27.82 -5.94 18.76
N ASN C 280 28.88 -5.80 19.54
CA ASN C 280 28.90 -6.35 20.89
C ASN C 280 29.69 -5.48 21.86
N PHE C 281 29.66 -5.87 23.14
CA PHE C 281 30.44 -5.20 24.18
C PHE C 281 31.39 -6.20 24.84
N GLY C 282 32.00 -7.04 24.01
CA GLY C 282 32.99 -7.99 24.49
C GLY C 282 32.38 -9.20 25.16
N GLY C 283 31.05 -9.26 25.25
CA GLY C 283 30.37 -10.31 25.98
C GLY C 283 30.16 -9.96 27.44
N LYS C 284 30.46 -8.71 27.79
CA LYS C 284 30.54 -8.28 29.18
C LYS C 284 29.27 -7.65 29.73
N LEU C 285 28.27 -7.44 28.86
CA LEU C 285 27.09 -6.65 29.23
C LEU C 285 25.74 -7.37 29.04
N GLY C 286 25.65 -8.18 28.00
CA GLY C 286 24.36 -8.74 27.63
C GLY C 286 24.24 -10.19 28.02
N GLN C 287 23.07 -10.77 27.78
CA GLN C 287 22.77 -12.12 28.23
C GLN C 287 22.93 -13.14 27.12
N TYR C 288 23.11 -12.66 25.89
CA TYR C 288 23.16 -13.54 24.72
C TYR C 288 24.31 -13.16 23.80
N GLU C 289 25.01 -14.19 23.32
CA GLU C 289 26.05 -14.02 22.30
C GLU C 289 25.67 -14.86 21.10
N ILE C 290 25.36 -14.21 19.99
CA ILE C 290 25.00 -14.90 18.76
C ILE C 290 26.14 -14.76 17.77
N HIS C 291 26.94 -15.82 17.64
CA HIS C 291 28.08 -15.81 16.73
C HIS C 291 27.62 -15.99 15.29
N LEU C 292 27.98 -15.03 14.45
CA LEU C 292 27.57 -15.04 13.05
C LEU C 292 27.93 -16.34 12.34
N HIS C 293 29.15 -16.82 12.53
CA HIS C 293 29.60 -18.06 11.88
C HIS C 293 28.79 -19.31 12.27
N ASP C 294 28.19 -19.28 13.46
CA ASP C 294 27.39 -20.41 13.93
C ASP C 294 25.98 -20.41 13.36
N LEU C 295 25.61 -19.33 12.67
CA LEU C 295 24.30 -19.26 12.04
C LEU C 295 24.25 -20.15 10.81
N PHE C 296 25.40 -20.27 10.14
CA PHE C 296 25.47 -20.98 8.86
C PHE C 296 26.42 -22.17 9.00
N MET D 1 -32.06 21.26 8.10
CA MET D 1 -31.13 21.17 6.94
C MET D 1 -30.87 19.71 6.60
N GLU D 2 -30.79 19.42 5.31
CA GLU D 2 -30.43 18.09 4.82
C GLU D 2 -29.42 18.23 3.69
N ILE D 3 -28.41 17.35 3.69
CA ILE D 3 -27.52 17.21 2.55
C ILE D 3 -27.70 15.82 1.97
N ASN D 4 -28.16 15.78 0.72
CA ASN D 4 -28.43 14.53 0.05
C ASN D 4 -29.41 13.68 0.87
N GLY D 5 -30.38 14.36 1.49
CA GLY D 5 -31.37 13.68 2.30
C GLY D 5 -30.85 13.23 3.65
N VAL D 6 -29.65 13.65 4.03
CA VAL D 6 -29.10 13.35 5.35
C VAL D 6 -29.29 14.56 6.27
N GLU D 7 -29.99 14.37 7.37
CA GLU D 7 -30.23 15.44 8.33
C GLU D 7 -28.94 15.93 9.00
N ILE D 8 -28.66 17.22 8.85
CA ILE D 8 -27.55 17.88 9.53
C ILE D 8 -28.07 18.54 10.80
N GLU D 9 -27.76 17.92 11.94
CA GLU D 9 -28.21 18.45 13.22
C GLU D 9 -27.69 19.86 13.42
N ASP D 10 -28.58 20.74 13.84
CA ASP D 10 -28.19 22.09 14.21
C ASP D 10 -27.51 22.07 15.59
N THR D 11 -26.19 21.94 15.57
CA THR D 11 -25.40 21.89 16.79
C THR D 11 -23.99 22.38 16.49
N PHE D 12 -23.09 22.26 17.44
CA PHE D 12 -21.72 22.69 17.24
C PHE D 12 -20.69 21.70 17.78
N ALA D 13 -19.56 21.60 17.07
CA ALA D 13 -18.38 20.96 17.61
C ALA D 13 -17.65 21.99 18.46
N GLU D 14 -17.17 21.56 19.61
CA GLU D 14 -16.45 22.44 20.52
C GLU D 14 -14.96 22.11 20.51
N ALA D 15 -14.15 23.01 19.96
CA ALA D 15 -12.73 22.74 19.78
C ALA D 15 -11.90 23.45 20.86
N PHE D 16 -10.59 23.26 20.80
CA PHE D 16 -9.70 23.71 21.85
C PHE D 16 -8.44 24.25 21.21
N GLU D 17 -7.77 25.17 21.89
CA GLU D 17 -6.43 25.60 21.47
C GLU D 17 -5.43 24.49 21.77
N ALA D 18 -4.45 24.34 20.89
CA ALA D 18 -3.36 23.39 21.09
C ALA D 18 -2.15 23.87 20.32
N LYS D 19 -0.97 23.59 20.84
CA LYS D 19 0.26 23.94 20.17
C LYS D 19 0.55 22.95 19.06
N MET D 20 1.09 23.44 17.95
CA MET D 20 1.28 22.61 16.76
C MET D 20 2.53 22.96 15.97
N ALA D 21 3.21 21.92 15.51
CA ALA D 21 4.32 22.06 14.56
C ALA D 21 3.93 21.34 13.27
N ARG D 22 4.62 21.66 12.19
CA ARG D 22 4.37 21.05 10.89
C ARG D 22 5.69 20.79 10.19
N VAL D 23 5.93 19.52 9.86
CA VAL D 23 7.27 19.09 9.43
C VAL D 23 7.20 18.47 8.03
N LEU D 24 8.12 18.88 7.16
CA LEU D 24 8.30 18.26 5.86
C LEU D 24 9.35 17.16 5.95
N ILE D 25 8.94 15.93 5.68
CA ILE D 25 9.88 14.82 5.62
C ILE D 25 10.15 14.47 4.16
N THR D 26 11.41 14.55 3.75
CA THR D 26 11.80 14.08 2.44
C THR D 26 12.63 12.80 2.54
N ALA D 27 12.71 12.06 1.45
CA ALA D 27 13.48 10.81 1.42
C ALA D 27 13.84 10.49 -0.03
N ALA D 28 14.58 9.38 -0.22
CA ALA D 28 15.01 8.96 -1.55
C ALA D 28 13.81 8.76 -2.50
N SER D 29 12.71 8.27 -1.94
CA SER D 29 11.48 8.05 -2.68
C SER D 29 10.31 8.41 -1.80
N HIS D 30 9.13 8.40 -2.39
CA HIS D 30 7.90 8.65 -1.66
C HIS D 30 7.62 7.47 -0.72
N LYS D 31 8.00 6.27 -1.15
CA LYS D 31 7.94 5.07 -0.32
C LYS D 31 8.72 5.21 1.01
N TRP D 32 9.99 5.56 0.93
CA TRP D 32 10.80 5.78 2.14
C TRP D 32 10.38 6.97 2.99
N ALA D 33 9.83 8.02 2.36
CA ALA D 33 9.22 9.13 3.11
C ALA D 33 8.06 8.65 3.97
N MET D 34 7.22 7.79 3.40
CA MET D 34 6.05 7.28 4.09
C MET D 34 6.43 6.33 5.25
N ILE D 35 7.52 5.58 5.06
CA ILE D 35 8.06 4.70 6.09
C ILE D 35 8.39 5.53 7.34
N ALA D 36 9.12 6.62 7.13
CA ALA D 36 9.51 7.51 8.22
C ALA D 36 8.29 8.20 8.84
N VAL D 37 7.34 8.57 7.97
CA VAL D 37 6.15 9.28 8.38
C VAL D 37 5.21 8.42 9.25
N LYS D 38 5.01 7.17 8.86
CA LYS D 38 4.14 6.27 9.61
C LYS D 38 4.72 5.97 11.01
N GLU D 39 6.05 5.88 11.09
CA GLU D 39 6.69 5.67 12.38
C GLU D 39 6.59 6.94 13.27
N ALA D 40 6.89 8.09 12.69
CA ALA D 40 6.90 9.34 13.42
C ALA D 40 5.52 9.79 13.92
N THR D 41 4.45 9.32 13.27
CA THR D 41 3.12 9.84 13.62
C THR D 41 2.24 8.80 14.31
N GLY D 42 2.78 7.60 14.48
CA GLY D 42 2.05 6.56 15.18
C GLY D 42 2.03 6.78 16.69
N PHE D 43 1.30 5.94 17.42
CA PHE D 43 1.07 6.14 18.85
C PHE D 43 0.77 7.62 19.16
N GLY D 44 -0.18 8.16 18.39
CA GLY D 44 -0.48 9.59 18.44
C GLY D 44 -1.91 9.91 18.07
N THR D 45 -2.86 9.21 18.67
CA THR D 45 -4.26 9.50 18.43
C THR D 45 -4.81 10.58 19.36
N SER D 46 -4.41 10.55 20.63
CA SER D 46 -5.01 11.42 21.65
C SER D 46 -4.01 11.65 22.77
N VAL D 47 -3.94 12.88 23.29
CA VAL D 47 -2.99 13.17 24.37
C VAL D 47 -3.39 12.57 25.72
N ILE D 48 -4.52 11.88 25.75
CA ILE D 48 -5.01 11.30 26.99
C ILE D 48 -4.19 10.09 27.44
N MET D 49 -3.97 9.13 26.54
CA MET D 49 -3.02 8.05 26.81
C MET D 49 -1.87 7.96 25.81
N CYS D 50 -1.88 8.80 24.78
CA CYS D 50 -0.74 8.88 23.85
C CYS D 50 0.11 10.11 24.13
N PRO D 51 1.39 10.08 23.72
CA PRO D 51 2.32 11.17 24.04
C PRO D 51 2.11 12.43 23.20
N ALA D 52 1.34 12.32 22.11
CA ALA D 52 1.04 13.46 21.24
C ALA D 52 -0.16 13.17 20.35
N GLU D 53 -0.60 14.19 19.61
CA GLU D 53 -1.57 14.02 18.53
C GLU D 53 -0.92 14.35 17.19
N ALA D 54 -0.66 13.32 16.40
CA ALA D 54 0.10 13.45 15.15
C ALA D 54 -0.63 12.83 13.94
N GLY D 55 -0.25 13.26 12.75
CA GLY D 55 -0.86 12.73 11.54
C GLY D 55 -0.35 13.37 10.28
N ILE D 56 -0.70 12.79 9.14
CA ILE D 56 -0.25 13.29 7.85
C ILE D 56 -1.17 14.42 7.43
N ASP D 57 -0.58 15.49 6.93
CA ASP D 57 -1.33 16.60 6.35
C ASP D 57 -1.36 16.40 4.84
N CYS D 58 -0.24 16.68 4.17
CA CYS D 58 -0.12 16.51 2.72
C CYS D 58 0.63 15.23 2.41
N GLY D 59 -0.07 14.27 1.82
CA GLY D 59 0.51 12.97 1.56
C GLY D 59 1.56 12.94 0.46
N TYR D 60 1.57 13.95 -0.42
CA TYR D 60 2.53 13.98 -1.51
C TYR D 60 2.95 15.42 -1.77
N VAL D 61 4.24 15.67 -1.65
CA VAL D 61 4.80 16.97 -1.95
C VAL D 61 5.81 16.74 -3.07
N PRO D 62 5.55 17.31 -4.26
CA PRO D 62 6.45 17.04 -5.40
C PRO D 62 7.89 17.46 -5.13
N PRO D 63 8.87 16.71 -5.68
CA PRO D 63 10.29 17.02 -5.50
C PRO D 63 10.66 18.48 -5.76
N GLU D 64 10.07 19.08 -6.77
CA GLU D 64 10.46 20.43 -7.14
C GLU D 64 9.95 21.47 -6.16
N GLU D 65 9.14 21.07 -5.19
CA GLU D 65 8.70 21.98 -4.15
C GLU D 65 9.37 21.79 -2.80
N THR D 66 10.30 20.84 -2.71
CA THR D 66 11.06 20.63 -1.48
C THR D 66 12.41 21.33 -1.52
N PRO D 67 13.03 21.55 -0.36
CA PRO D 67 14.31 22.24 -0.30
C PRO D 67 15.44 21.47 -0.98
N ASP D 68 15.29 20.15 -1.05
CA ASP D 68 16.39 19.29 -1.50
C ASP D 68 16.06 18.56 -2.80
N GLY D 69 14.88 18.83 -3.35
CA GLY D 69 14.53 18.29 -4.65
C GLY D 69 14.24 16.81 -4.61
N ARG D 70 13.79 16.34 -3.44
CA ARG D 70 13.43 14.94 -3.23
C ARG D 70 11.95 14.82 -2.86
N PRO D 71 11.31 13.67 -3.13
CA PRO D 71 9.87 13.53 -2.81
C PRO D 71 9.62 13.72 -1.31
N GLY D 72 8.48 14.33 -0.96
CA GLY D 72 8.19 14.65 0.42
C GLY D 72 6.76 14.37 0.90
N VAL D 73 6.58 14.49 2.21
CA VAL D 73 5.29 14.30 2.87
C VAL D 73 5.29 15.31 4.03
N THR D 74 4.17 15.98 4.28
CA THR D 74 4.11 16.85 5.46
C THR D 74 3.21 16.26 6.52
N ILE D 75 3.71 16.31 7.76
CA ILE D 75 3.01 15.81 8.94
C ILE D 75 2.81 16.97 9.91
N MET D 76 1.89 16.79 10.85
CA MET D 76 1.68 17.76 11.91
C MET D 76 1.67 17.07 13.26
N ILE D 77 2.30 17.72 14.25
CA ILE D 77 2.37 17.19 15.60
C ILE D 77 1.75 18.20 16.56
N GLY D 78 0.83 17.73 17.41
CA GLY D 78 0.14 18.62 18.31
C GLY D 78 0.19 18.18 19.77
N HIS D 79 0.12 19.14 20.68
CA HIS D 79 -0.08 18.90 22.11
C HIS D 79 -0.59 20.19 22.74
N ASN D 80 -1.38 20.08 23.80
CA ASN D 80 -1.90 21.26 24.51
C ASN D 80 -0.81 21.98 25.31
N ASP D 81 0.23 21.23 25.66
CA ASP D 81 1.38 21.74 26.42
C ASP D 81 2.56 21.98 25.46
N GLU D 82 3.06 23.22 25.44
CA GLU D 82 4.13 23.61 24.53
C GLU D 82 5.47 22.92 24.79
N ASP D 83 5.77 22.64 26.05
CA ASP D 83 6.99 21.93 26.38
C ASP D 83 6.90 20.45 26.06
N GLU D 84 5.72 19.88 26.25
CA GLU D 84 5.45 18.52 25.81
C GLU D 84 5.60 18.39 24.29
N LEU D 85 5.17 19.41 23.55
CA LEU D 85 5.32 19.40 22.11
C LEU D 85 6.78 19.43 21.66
N LYS D 86 7.59 20.29 22.27
CA LYS D 86 9.00 20.40 21.92
C LYS D 86 9.76 19.10 22.19
N GLU D 87 9.38 18.44 23.29
CA GLU D 87 9.89 17.11 23.63
C GLU D 87 9.53 16.08 22.56
N GLN D 88 8.24 16.04 22.23
CA GLN D 88 7.72 15.14 21.19
C GLN D 88 8.38 15.33 19.82
N LEU D 89 8.62 16.58 19.43
CA LEU D 89 9.37 16.89 18.20
C LEU D 89 10.76 16.28 18.25
N LEU D 90 11.42 16.43 19.38
CA LEU D 90 12.79 15.94 19.54
C LEU D 90 12.82 14.41 19.48
N ASP D 91 11.92 13.76 20.22
CA ASP D 91 11.88 12.30 20.30
C ASP D 91 11.44 11.65 18.99
N ARG D 92 10.40 12.22 18.37
CA ARG D 92 9.85 11.64 17.15
C ARG D 92 10.75 11.85 15.93
N ILE D 93 11.33 13.05 15.80
CA ILE D 93 12.32 13.26 14.74
C ILE D 93 13.63 12.52 15.03
N GLY D 94 14.10 12.61 16.26
CA GLY D 94 15.35 11.97 16.62
C GLY D 94 15.36 10.46 16.50
N GLN D 95 14.25 9.79 16.84
CA GLN D 95 14.24 8.32 16.86
C GLN D 95 13.35 7.65 15.81
N CYS D 96 12.65 8.46 15.02
CA CYS D 96 11.78 7.92 13.97
C CYS D 96 12.10 8.47 12.58
N VAL D 97 12.78 9.61 12.53
CA VAL D 97 13.14 10.20 11.25
C VAL D 97 14.65 10.21 11.00
N MET D 98 15.44 10.58 12.00
CA MET D 98 16.89 10.45 11.91
C MET D 98 17.35 9.01 11.66
N THR D 99 16.59 8.07 12.20
CA THR D 99 16.92 6.65 12.11
C THR D 99 16.41 5.99 10.82
N ALA D 100 15.50 6.67 10.12
CA ALA D 100 14.84 6.10 8.94
C ALA D 100 15.70 6.31 7.68
N PRO D 101 15.81 5.25 6.84
CA PRO D 101 16.68 5.28 5.66
C PRO D 101 16.40 6.49 4.74
N THR D 102 17.44 7.31 4.58
CA THR D 102 17.50 8.47 3.66
C THR D 102 16.63 9.68 4.03
N ALA D 103 15.92 9.60 5.14
CA ALA D 103 14.96 10.66 5.50
C ALA D 103 15.63 11.92 6.07
N SER D 104 15.14 13.07 5.61
CA SER D 104 15.53 14.39 6.11
C SER D 104 14.30 15.08 6.71
N ALA D 105 14.53 16.09 7.55
CA ALA D 105 13.42 16.80 8.18
C ALA D 105 13.61 18.31 8.10
N PHE D 106 12.56 19.01 7.63
CA PHE D 106 12.58 20.45 7.44
C PHE D 106 11.33 21.04 8.07
N ASP D 107 11.38 22.34 8.34
CA ASP D 107 10.22 23.07 8.83
C ASP D 107 9.21 23.34 7.70
N ALA D 108 7.93 23.15 8.00
CA ALA D 108 6.87 23.43 7.03
C ALA D 108 5.77 24.26 7.69
N MET D 109 6.12 25.01 8.72
CA MET D 109 5.18 25.94 9.33
C MET D 109 5.10 27.20 8.47
N PRO D 110 3.90 27.55 8.01
CA PRO D 110 3.71 28.82 7.29
C PRO D 110 4.11 30.01 8.15
N GLU D 111 4.80 30.95 7.52
CA GLU D 111 5.32 32.12 8.21
C GLU D 111 4.20 32.91 8.86
N ALA D 112 3.07 32.99 8.16
CA ALA D 112 1.90 33.68 8.68
C ALA D 112 1.32 33.02 9.93
N GLU D 113 1.64 31.75 10.14
CA GLU D 113 1.14 31.01 11.31
C GLU D 113 2.14 31.01 12.46
N LYS D 114 3.40 31.26 12.14
CA LYS D 114 4.49 31.04 13.09
C LYS D 114 4.48 32.04 14.25
N GLU D 115 4.33 31.51 15.46
CA GLU D 115 4.35 32.30 16.69
C GLU D 115 5.64 32.10 17.46
N ASP D 116 6.02 30.84 17.71
CA ASP D 116 7.24 30.52 18.44
C ASP D 116 8.12 29.65 17.55
N GLU D 117 9.27 29.25 18.06
CA GLU D 117 10.09 28.29 17.35
C GLU D 117 11.02 27.59 18.32
N ASP D 118 11.38 26.36 17.96
CA ASP D 118 12.25 25.53 18.78
C ASP D 118 13.36 25.03 17.89
N ARG D 119 14.60 25.12 18.38
CA ARG D 119 15.75 24.69 17.60
C ARG D 119 16.01 23.19 17.74
N VAL D 120 15.03 22.41 17.28
CA VAL D 120 15.10 20.93 17.37
C VAL D 120 16.31 20.38 16.60
N GLY D 121 16.58 20.94 15.43
CA GLY D 121 17.70 20.48 14.61
C GLY D 121 19.04 20.78 15.25
N TYR D 122 19.16 21.98 15.84
CA TYR D 122 20.32 22.32 16.66
C TYR D 122 20.55 21.30 17.75
N LYS D 123 19.48 20.94 18.46
CA LYS D 123 19.56 19.97 19.55
C LYS D 123 20.02 18.58 19.10
N LEU D 124 19.44 18.06 18.02
CA LEU D 124 19.88 16.77 17.47
C LEU D 124 21.29 16.81 16.94
N SER D 125 21.76 17.99 16.55
CA SER D 125 23.03 18.11 15.83
C SER D 125 24.19 17.63 16.70
N PHE D 126 24.00 17.69 18.01
CA PHE D 126 25.00 17.20 18.97
C PHE D 126 25.26 15.69 18.87
N PHE D 127 24.32 14.96 18.26
CA PHE D 127 24.49 13.54 17.96
C PHE D 127 25.72 13.31 17.06
N GLY D 128 26.14 14.35 16.34
CA GLY D 128 27.29 14.24 15.45
C GLY D 128 28.62 14.14 16.19
N ASP D 129 28.57 14.37 17.50
CA ASP D 129 29.74 14.32 18.39
C ASP D 129 30.90 15.18 17.89
N GLY D 130 30.59 16.41 17.50
CA GLY D 130 31.62 17.31 17.03
C GLY D 130 31.86 17.28 15.52
N TYR D 131 31.29 16.30 14.83
CA TYR D 131 31.44 16.19 13.39
C TYR D 131 30.30 16.84 12.63
N GLN D 132 29.21 17.14 13.33
CA GLN D 132 28.07 17.82 12.72
C GLN D 132 28.52 19.15 12.15
N GLU D 133 27.82 19.61 11.12
CA GLU D 133 28.29 20.75 10.35
C GLU D 133 27.12 21.58 9.88
N GLU D 134 27.16 22.87 10.16
CA GLU D 134 26.10 23.77 9.75
C GLU D 134 26.20 24.07 8.25
N ASP D 135 25.04 24.22 7.61
CA ASP D 135 25.01 24.52 6.19
C ASP D 135 23.74 25.27 5.82
N GLU D 136 23.66 25.69 4.57
CA GLU D 136 22.49 26.40 4.07
C GLU D 136 21.95 25.60 2.89
N LEU D 137 20.64 25.47 2.83
CA LEU D 137 19.98 24.66 1.81
C LEU D 137 18.68 25.35 1.42
N ASP D 138 18.67 25.92 0.21
CA ASP D 138 17.52 26.65 -0.29
C ASP D 138 17.13 27.76 0.67
N GLY D 139 18.15 28.48 1.15
CA GLY D 139 17.92 29.59 2.07
C GLY D 139 17.79 29.16 3.52
N ARG D 140 17.69 27.86 3.75
CA ARG D 140 17.45 27.32 5.08
C ARG D 140 18.74 27.00 5.83
N LYS D 141 18.74 27.27 7.13
CA LYS D 141 19.84 26.87 7.99
C LYS D 141 19.66 25.41 8.40
N VAL D 142 20.57 24.56 7.96
CA VAL D 142 20.49 23.13 8.26
C VAL D 142 21.76 22.61 8.94
N TRP D 143 21.62 21.45 9.58
CA TRP D 143 22.74 20.73 10.18
C TRP D 143 22.96 19.44 9.42
N LYS D 144 24.21 19.16 9.08
CA LYS D 144 24.59 17.91 8.44
C LYS D 144 25.27 17.04 9.47
N ILE D 145 24.58 15.99 9.89
CA ILE D 145 24.99 15.12 10.98
C ILE D 145 25.48 13.81 10.36
N PRO D 146 26.78 13.47 10.53
CA PRO D 146 27.29 12.22 9.99
C PRO D 146 26.63 11.04 10.66
N VAL D 147 26.05 10.15 9.87
CA VAL D 147 25.48 8.90 10.36
C VAL D 147 26.05 7.76 9.51
N VAL D 148 25.90 6.53 9.97
CA VAL D 148 26.48 5.37 9.27
C VAL D 148 26.05 5.25 7.79
N GLU D 149 24.86 5.74 7.45
CA GLU D 149 24.37 5.70 6.08
C GLU D 149 25.01 6.80 5.22
N GLY D 150 25.54 7.83 5.88
CA GLY D 150 25.99 9.02 5.19
C GLY D 150 25.75 10.25 6.04
N GLU D 151 24.81 11.11 5.62
CA GLU D 151 24.44 12.29 6.40
C GLU D 151 22.94 12.33 6.64
N PHE D 152 22.55 12.82 7.82
CA PHE D 152 21.17 13.21 8.09
C PHE D 152 21.08 14.73 8.05
N ILE D 153 20.13 15.25 7.28
CA ILE D 153 19.94 16.69 7.14
C ILE D 153 18.70 17.08 7.94
N VAL D 154 18.83 18.09 8.78
CA VAL D 154 17.68 18.57 9.55
C VAL D 154 17.75 20.08 9.70
N GLU D 155 16.61 20.75 9.55
CA GLU D 155 16.56 22.18 9.70
C GLU D 155 16.84 22.58 11.15
N ASP D 156 17.59 23.67 11.33
CA ASP D 156 17.96 24.14 12.67
C ASP D 156 16.75 24.31 13.58
N SER D 157 15.73 25.01 13.12
CA SER D 157 14.55 25.25 13.96
C SER D 157 13.21 24.97 13.27
N PHE D 158 12.19 24.72 14.08
CA PHE D 158 10.86 24.41 13.61
C PHE D 158 9.86 25.36 14.26
N GLY D 159 9.01 25.95 13.43
CA GLY D 159 8.01 26.90 13.90
C GLY D 159 6.88 26.24 14.69
N ILE D 160 6.31 26.99 15.62
CA ILE D 160 5.20 26.52 16.43
C ILE D 160 4.09 27.56 16.40
N THR D 161 2.86 27.08 16.26
CA THR D 161 1.68 27.94 16.27
C THR D 161 0.67 27.42 17.30
N THR D 162 -0.31 28.24 17.63
CA THR D 162 -1.49 27.78 18.37
C THR D 162 -2.59 27.44 17.37
N GLY D 163 -2.80 26.15 17.18
CA GLY D 163 -3.82 25.71 16.26
C GLY D 163 -5.11 25.34 16.94
N VAL D 164 -5.97 24.66 16.21
CA VAL D 164 -7.29 24.26 16.67
C VAL D 164 -7.35 22.74 16.73
N ALA D 165 -7.62 22.21 17.91
CA ALA D 165 -7.75 20.77 18.08
C ALA D 165 -9.15 20.37 18.53
N GLY D 166 -9.63 19.25 18.01
CA GLY D 166 -10.87 18.69 18.49
C GLY D 166 -12.09 19.08 17.68
N GLY D 167 -11.88 19.73 16.53
CA GLY D 167 -12.94 19.82 15.55
C GLY D 167 -13.48 18.42 15.27
N ASN D 168 -14.79 18.29 15.09
CA ASN D 168 -15.36 16.96 14.98
C ASN D 168 -16.75 16.96 14.37
N PHE D 169 -17.15 15.79 13.86
CA PHE D 169 -18.55 15.49 13.64
C PHE D 169 -18.83 14.00 13.83
N TYR D 170 -20.09 13.67 14.11
CA TYR D 170 -20.54 12.29 14.26
C TYR D 170 -21.32 11.88 13.02
N ILE D 171 -20.98 10.71 12.49
CA ILE D 171 -21.76 10.09 11.43
C ILE D 171 -22.66 9.03 12.05
N MET D 172 -23.97 9.21 11.90
CA MET D 172 -24.94 8.23 12.38
C MET D 172 -25.52 7.43 11.22
N ALA D 173 -25.33 6.12 11.26
CA ALA D 173 -25.67 5.28 10.13
C ALA D 173 -26.51 4.07 10.53
N GLU D 174 -27.10 3.43 9.53
CA GLU D 174 -28.00 2.31 9.72
C GLU D 174 -27.29 1.03 10.15
N SER D 175 -25.98 0.97 9.94
CA SER D 175 -25.21 -0.22 10.27
C SER D 175 -23.75 0.18 10.40
N GLN D 176 -22.94 -0.74 10.91
CA GLN D 176 -21.51 -0.48 11.02
C GLN D 176 -20.81 -0.39 9.66
N PRO D 177 -21.09 -1.34 8.73
CA PRO D 177 -20.48 -1.23 7.39
C PRO D 177 -20.84 0.06 6.67
N ALA D 178 -22.09 0.50 6.81
CA ALA D 178 -22.55 1.75 6.19
C ALA D 178 -21.87 2.96 6.82
N GLY D 179 -21.70 2.93 8.13
CA GLY D 179 -21.06 4.04 8.81
C GLY D 179 -19.59 4.14 8.46
N LEU D 180 -18.95 2.98 8.26
CA LEU D 180 -17.52 2.95 7.99
C LEU D 180 -17.18 3.33 6.55
N GLN D 181 -18.06 2.97 5.61
CA GLN D 181 -17.87 3.40 4.21
C GLN D 181 -18.04 4.90 4.13
N ALA D 182 -19.01 5.44 4.86
CA ALA D 182 -19.21 6.88 4.89
C ALA D 182 -18.04 7.61 5.57
N ALA D 183 -17.55 7.01 6.67
CA ALA D 183 -16.47 7.61 7.43
C ALA D 183 -15.18 7.68 6.61
N GLU D 184 -14.87 6.62 5.86
CA GLU D 184 -13.65 6.63 5.08
C GLU D 184 -13.70 7.62 3.91
N ALA D 185 -14.85 7.75 3.27
CA ALA D 185 -15.04 8.77 2.23
C ALA D 185 -14.81 10.17 2.80
N ALA D 186 -15.27 10.39 4.04
CA ALA D 186 -15.02 11.65 4.75
C ALA D 186 -13.53 11.94 4.91
N VAL D 187 -12.79 10.94 5.38
CA VAL D 187 -11.35 11.07 5.58
C VAL D 187 -10.58 11.25 4.28
N ASP D 188 -11.02 10.59 3.21
CA ASP D 188 -10.45 10.80 1.87
C ASP D 188 -10.61 12.27 1.40
N ALA D 189 -11.74 12.89 1.74
CA ALA D 189 -11.93 14.31 1.49
C ALA D 189 -11.02 15.19 2.37
N ILE D 190 -10.88 14.82 3.64
CA ILE D 190 -10.01 15.55 4.56
C ILE D 190 -8.52 15.57 4.16
N LYS D 191 -8.10 14.54 3.43
CA LYS D 191 -6.73 14.44 2.95
C LYS D 191 -6.36 15.62 2.05
N GLY D 192 -7.37 16.13 1.33
CA GLY D 192 -7.14 17.23 0.41
C GLY D 192 -7.10 18.62 1.03
N VAL D 193 -7.42 18.74 2.31
CA VAL D 193 -7.42 20.04 2.95
C VAL D 193 -6.06 20.31 3.60
N GLU D 194 -5.38 21.33 3.10
CA GLU D 194 -4.07 21.66 3.63
C GLU D 194 -4.16 22.26 5.05
N GLY D 195 -3.28 21.81 5.94
CA GLY D 195 -3.23 22.36 7.28
C GLY D 195 -4.18 21.67 8.25
N ALA D 196 -4.73 20.53 7.87
CA ALA D 196 -5.57 19.74 8.76
C ALA D 196 -5.17 18.26 8.75
N TYR D 197 -5.30 17.61 9.91
CA TYR D 197 -5.05 16.17 9.99
C TYR D 197 -6.04 15.49 10.94
N ALA D 198 -6.27 14.20 10.70
CA ALA D 198 -7.16 13.40 11.52
C ALA D 198 -6.34 12.34 12.27
N PRO D 199 -6.05 12.57 13.57
CA PRO D 199 -5.05 11.79 14.30
C PRO D 199 -5.43 10.35 14.68
N PHE D 200 -6.72 10.04 14.66
CA PHE D 200 -7.16 8.69 15.04
C PHE D 200 -6.92 7.68 13.94
N PRO D 201 -7.02 6.37 14.25
CA PRO D 201 -6.60 5.34 13.28
C PRO D 201 -7.45 5.36 12.01
N GLY D 202 -6.80 5.68 10.88
CA GLY D 202 -7.50 5.88 9.64
C GLY D 202 -8.35 7.13 9.66
N GLY D 203 -8.11 8.01 10.63
CA GLY D 203 -8.85 9.26 10.76
C GLY D 203 -10.14 9.12 11.56
N ILE D 204 -10.42 7.92 12.06
CA ILE D 204 -11.75 7.56 12.55
C ILE D 204 -11.74 7.05 13.99
N VAL D 205 -12.69 7.56 14.79
CA VAL D 205 -12.83 7.18 16.20
C VAL D 205 -14.00 6.22 16.31
N ALA D 206 -13.71 4.98 16.70
CA ALA D 206 -14.75 3.98 16.89
C ALA D 206 -15.28 3.94 18.33
N SER D 207 -14.61 4.65 19.24
CA SER D 207 -14.95 4.58 20.65
C SER D 207 -14.91 5.95 21.30
N ALA D 208 -15.76 6.85 20.82
CA ALA D 208 -15.88 8.19 21.38
C ALA D 208 -16.26 8.12 22.86
N SER D 209 -15.68 9.01 23.65
CA SER D 209 -15.91 9.01 25.08
C SER D 209 -16.64 10.27 25.58
N LYS D 210 -17.14 10.18 26.80
CA LYS D 210 -17.67 11.34 27.52
C LYS D 210 -16.71 11.71 28.66
N VAL D 211 -16.83 12.93 29.15
CA VAL D 211 -16.05 13.31 30.32
C VAL D 211 -16.51 12.51 31.54
N GLY D 212 -15.58 11.82 32.17
CA GLY D 212 -15.88 11.14 33.40
C GLY D 212 -16.66 9.85 33.24
N SER D 213 -17.28 9.40 34.34
CA SER D 213 -17.88 8.07 34.43
C SER D 213 -19.02 8.10 35.44
N LYS D 214 -20.19 7.59 35.08
CA LYS D 214 -21.33 7.50 36.00
C LYS D 214 -21.06 6.56 37.18
N GLN D 215 -20.26 5.52 36.93
CA GLN D 215 -20.11 4.42 37.87
C GLN D 215 -18.82 4.48 38.66
N TYR D 216 -17.75 4.99 38.04
CA TYR D 216 -16.42 4.86 38.60
C TYR D 216 -15.77 6.21 38.83
N ASP D 217 -15.57 6.52 40.10
CA ASP D 217 -14.94 7.77 40.50
C ASP D 217 -13.45 7.85 40.17
N PHE D 218 -12.87 6.73 39.73
CA PHE D 218 -11.48 6.75 39.34
C PHE D 218 -11.27 7.05 37.85
N LEU D 219 -12.33 6.92 37.06
CA LEU D 219 -12.27 7.19 35.62
C LEU D 219 -12.49 8.64 35.26
N PRO D 220 -11.53 9.26 34.55
CA PRO D 220 -11.63 10.62 34.01
C PRO D 220 -12.47 10.70 32.73
N ALA D 221 -12.67 9.56 32.07
CA ALA D 221 -13.49 9.49 30.88
C ALA D 221 -13.96 8.05 30.71
N SER D 222 -14.99 7.89 29.90
CA SER D 222 -15.57 6.56 29.68
C SER D 222 -16.37 6.58 28.37
N THR D 223 -16.86 5.42 27.95
CA THR D 223 -17.58 5.32 26.69
C THR D 223 -18.76 6.28 26.68
N ASN D 224 -19.00 6.93 25.55
CA ASN D 224 -20.17 7.78 25.44
C ASN D 224 -21.44 6.95 25.27
N ASP D 225 -22.02 6.54 26.39
CA ASP D 225 -23.12 5.59 26.41
C ASP D 225 -24.41 6.14 25.77
N ALA D 226 -24.50 7.46 25.68
CA ALA D 226 -25.62 8.11 24.99
C ALA D 226 -25.65 7.73 23.51
N TYR D 227 -24.53 7.31 22.96
CA TYR D 227 -24.42 7.07 21.53
C TYR D 227 -24.05 5.63 21.25
N CYS D 228 -24.10 4.79 22.28
CA CYS D 228 -23.78 3.39 22.09
C CYS D 228 -25.02 2.63 21.71
N PRO D 229 -25.05 2.08 20.48
CA PRO D 229 -26.23 1.41 19.97
C PRO D 229 -26.63 0.19 20.79
N THR D 230 -25.68 -0.39 21.51
CA THR D 230 -25.97 -1.60 22.30
C THR D 230 -26.36 -1.30 23.75
N VAL D 231 -26.30 -0.03 24.14
CA VAL D 231 -26.75 0.38 25.47
C VAL D 231 -28.22 0.74 25.38
N GLU D 232 -29.04 0.05 26.16
CA GLU D 232 -30.48 0.16 26.06
C GLU D 232 -31.01 1.57 26.30
N ASP D 233 -30.22 2.39 26.98
CA ASP D 233 -30.65 3.74 27.37
C ASP D 233 -30.16 4.88 26.47
N ASN D 234 -29.56 4.54 25.32
CA ASN D 234 -28.94 5.54 24.45
C ASN D 234 -29.89 6.62 23.93
N GLU D 235 -29.33 7.74 23.48
CA GLU D 235 -30.11 8.82 22.91
C GLU D 235 -30.05 8.87 21.37
N LEU D 236 -30.07 7.71 20.73
CA LEU D 236 -29.88 7.64 19.28
C LEU D 236 -31.21 7.67 18.55
N PRO D 237 -31.25 8.31 17.37
CA PRO D 237 -32.41 8.24 16.47
C PRO D 237 -32.76 6.80 16.10
N GLU D 238 -34.01 6.59 15.71
CA GLU D 238 -34.47 5.26 15.32
C GLU D 238 -33.73 4.82 14.06
N GLY D 239 -33.32 3.56 14.03
CA GLY D 239 -32.68 3.02 12.85
C GLY D 239 -31.25 3.45 12.67
N VAL D 240 -30.62 3.86 13.78
CA VAL D 240 -29.18 4.14 13.83
C VAL D 240 -28.53 3.04 14.67
N LYS D 241 -27.74 2.18 14.03
CA LYS D 241 -27.08 1.08 14.72
C LYS D 241 -25.55 1.23 14.77
N CYS D 242 -25.06 2.43 14.44
CA CYS D 242 -23.63 2.70 14.44
C CYS D 242 -23.35 4.18 14.41
N VAL D 243 -22.42 4.63 15.25
CA VAL D 243 -21.94 6.00 15.21
C VAL D 243 -20.41 6.02 15.13
N TYR D 244 -19.87 6.84 14.23
CA TYR D 244 -18.43 7.08 14.17
C TYR D 244 -18.18 8.54 14.41
N GLU D 245 -17.07 8.86 15.04
CA GLU D 245 -16.65 10.25 15.13
C GLU D 245 -15.41 10.49 14.28
N ILE D 246 -15.39 11.61 13.57
CA ILE D 246 -14.17 12.09 12.93
C ILE D 246 -13.65 13.28 13.74
N VAL D 247 -12.40 13.21 14.16
CA VAL D 247 -11.78 14.33 14.87
C VAL D 247 -10.71 14.97 13.99
N ILE D 248 -10.69 16.30 13.96
CA ILE D 248 -9.78 17.07 13.09
C ILE D 248 -9.03 18.13 13.90
N ASN D 249 -7.71 18.13 13.79
CA ASN D 249 -6.91 19.24 14.30
C ASN D 249 -6.32 19.99 13.10
N GLY D 250 -5.97 21.27 13.29
CA GLY D 250 -5.53 22.08 12.18
C GLY D 250 -4.73 23.31 12.59
N LEU D 251 -4.10 23.94 11.61
CA LEU D 251 -3.22 25.09 11.84
C LEU D 251 -4.01 26.25 12.43
N ASN D 252 -5.26 26.36 12.00
CA ASN D 252 -6.13 27.43 12.41
C ASN D 252 -7.57 26.99 12.25
N GLU D 253 -8.50 27.87 12.63
CA GLU D 253 -9.91 27.52 12.63
C GLU D 253 -10.45 27.33 11.21
N GLU D 254 -9.93 28.11 10.27
CA GLU D 254 -10.45 28.07 8.90
C GLU D 254 -10.16 26.72 8.26
N ALA D 255 -9.00 26.16 8.57
CA ALA D 255 -8.58 24.87 8.01
C ALA D 255 -9.42 23.74 8.59
N VAL D 256 -9.80 23.88 9.85
CA VAL D 256 -10.61 22.88 10.54
C VAL D 256 -12.06 22.94 10.06
N LYS D 257 -12.55 24.16 9.80
CA LYS D 257 -13.90 24.33 9.29
C LYS D 257 -14.01 23.78 7.87
N GLU D 258 -12.97 24.00 7.08
CA GLU D 258 -12.91 23.48 5.71
C GLU D 258 -12.86 21.95 5.67
N ALA D 259 -12.04 21.36 6.52
CA ALA D 259 -11.99 19.91 6.67
C ALA D 259 -13.36 19.32 7.04
N MET D 260 -14.04 19.95 8.00
CA MET D 260 -15.36 19.49 8.44
C MET D 260 -16.37 19.59 7.29
N ARG D 261 -16.31 20.69 6.53
CA ARG D 261 -17.24 20.91 5.42
C ARG D 261 -17.13 19.82 4.36
N VAL D 262 -15.92 19.57 3.89
CA VAL D 262 -15.73 18.56 2.84
C VAL D 262 -15.91 17.15 3.37
N GLY D 263 -15.54 16.93 4.65
CA GLY D 263 -15.77 15.63 5.27
C GLY D 263 -17.25 15.26 5.35
N ILE D 264 -18.07 16.23 5.77
CA ILE D 264 -19.51 16.01 5.90
C ILE D 264 -20.17 15.82 4.53
N GLU D 265 -19.81 16.65 3.56
CA GLU D 265 -20.37 16.55 2.22
C GLU D 265 -20.06 15.19 1.59
N ALA D 266 -18.80 14.77 1.72
CA ALA D 266 -18.37 13.45 1.25
C ALA D 266 -19.13 12.32 1.93
N ALA D 267 -19.30 12.41 3.25
CA ALA D 267 -19.96 11.36 4.01
C ALA D 267 -21.41 11.19 3.57
N CYS D 268 -22.03 12.31 3.18
CA CYS D 268 -23.45 12.34 2.86
C CYS D 268 -23.78 11.78 1.48
N GLN D 269 -22.75 11.51 0.68
CA GLN D 269 -22.92 10.88 -0.62
C GLN D 269 -23.01 9.36 -0.51
N GLN D 270 -22.62 8.82 0.64
CA GLN D 270 -22.53 7.38 0.81
C GLN D 270 -23.81 6.83 1.40
N PRO D 271 -24.20 5.61 1.01
CA PRO D 271 -25.48 5.03 1.39
C PRO D 271 -25.59 4.66 2.88
N GLY D 272 -26.79 4.79 3.43
CA GLY D 272 -27.07 4.33 4.78
C GLY D 272 -26.74 5.31 5.90
N VAL D 273 -26.38 6.54 5.55
CA VAL D 273 -26.18 7.59 6.55
C VAL D 273 -27.51 8.21 6.96
N VAL D 274 -27.79 8.20 8.26
CA VAL D 274 -29.05 8.70 8.79
C VAL D 274 -28.97 10.18 9.17
N LYS D 275 -27.89 10.54 9.87
CA LYS D 275 -27.81 11.83 10.52
C LYS D 275 -26.35 12.21 10.73
N ILE D 276 -26.05 13.50 10.63
CA ILE D 276 -24.75 14.05 10.99
C ILE D 276 -24.95 14.88 12.25
N SER D 277 -24.10 14.69 13.24
CA SER D 277 -24.14 15.51 14.44
C SER D 277 -22.72 15.96 14.82
N ALA D 278 -22.57 16.55 16.00
CA ALA D 278 -21.26 16.95 16.49
C ALA D 278 -21.19 16.95 18.01
N GLY D 279 -20.00 16.69 18.54
CA GLY D 279 -19.79 16.69 19.97
C GLY D 279 -19.31 18.01 20.52
N ASN D 280 -20.00 18.48 21.55
CA ASN D 280 -19.58 19.68 22.29
C ASN D 280 -19.66 19.42 23.78
N PHE D 281 -19.24 20.42 24.56
CA PHE D 281 -19.31 20.36 26.01
C PHE D 281 -20.14 21.51 26.58
N GLY D 282 -21.21 21.86 25.88
CA GLY D 282 -22.15 22.84 26.38
C GLY D 282 -21.66 24.27 26.24
N GLY D 283 -20.46 24.43 25.68
CA GLY D 283 -19.89 25.76 25.48
C GLY D 283 -18.91 26.14 26.57
N LYS D 284 -18.63 25.19 27.45
CA LYS D 284 -17.94 25.47 28.71
C LYS D 284 -16.42 25.30 28.66
N LEU D 285 -15.95 24.31 27.90
CA LEU D 285 -14.57 23.84 27.99
C LEU D 285 -13.59 24.48 26.98
N GLY D 286 -14.03 24.56 25.72
CA GLY D 286 -13.11 24.89 24.64
C GLY D 286 -13.18 26.33 24.18
N GLN D 287 -12.33 26.67 23.22
CA GLN D 287 -12.16 28.06 22.80
C GLN D 287 -12.89 28.36 21.50
N TYR D 288 -13.36 27.32 20.83
CA TYR D 288 -14.04 27.47 19.54
C TYR D 288 -15.34 26.70 19.50
N GLU D 289 -16.33 27.27 18.82
CA GLU D 289 -17.61 26.60 18.67
C GLU D 289 -17.97 26.63 17.20
N ILE D 290 -17.87 25.48 16.54
CA ILE D 290 -18.05 25.45 15.09
C ILE D 290 -19.38 24.85 14.75
N HIS D 291 -20.32 25.74 14.42
CA HIS D 291 -21.69 25.34 14.12
C HIS D 291 -21.78 24.73 12.73
N LEU D 292 -22.41 23.57 12.66
CA LEU D 292 -22.49 22.81 11.41
C LEU D 292 -23.26 23.55 10.33
N HIS D 293 -24.31 24.28 10.72
CA HIS D 293 -25.13 24.99 9.76
C HIS D 293 -24.39 26.18 9.17
N ASP D 294 -23.40 26.67 9.91
CA ASP D 294 -22.56 27.77 9.44
C ASP D 294 -21.50 27.35 8.41
N LEU D 295 -21.28 26.05 8.29
CA LEU D 295 -20.27 25.53 7.35
C LEU D 295 -20.78 25.59 5.92
N PHE D 296 -22.10 25.52 5.78
CA PHE D 296 -22.75 25.41 4.48
C PHE D 296 -23.55 26.67 4.18
#